data_7PMX
#
_entry.id   7PMX
#
_cell.length_a   1.00
_cell.length_b   1.00
_cell.length_c   1.00
_cell.angle_alpha   90.00
_cell.angle_beta   90.00
_cell.angle_gamma   90.00
#
_symmetry.space_group_name_H-M   'P 1'
#
loop_
_entity.id
_entity.type
_entity.pdbx_description
1 polymer 'Solute carrier family 15 member 1'
2 polymer ALA-PHE
#
loop_
_entity_poly.entity_id
_entity_poly.type
_entity_poly.pdbx_seq_one_letter_code
_entity_poly.pdbx_strand_id
1 'polypeptide(L)'
;MGMSKSHSFFGYPLSIFFIVVNEFCERFSYYGMRAILILYFTNFISWDDNLSTAIYHTFVALCYLTPILGALIADSWLGK
FKTIVSLSIVYTIGQAVTSVSSINDLTDHNHDGTPDSLPVHVVLSLIGLALIALGTGGIKPCVSAFGGDQFEEGQEKQRN
RFFSIFYLAINAGSLLSTIITPMLRVQQCGIHSKQACYPLAFGVPAALMAVALIVFVLGSGMYKKFKPQGNIMGKVAKCI
GFAIKNRFRHRSKAFPKREHWLDWAKEKYDERLISQIKMVTRVMFLYIPLPMFWALFDQQGSRWTLQATTMSGKIGALEI
QPDQMQTVNAILIVIMVPIFDAVLYPLIAKCGFNFTSLKKMAVGMVLASMAFVVAAIVQVEIDKTLPVFPKGNEVQIKVL
NIGNNTMNISLPGEMVTLGPMSQTNAFMTFDVNKLTRINISSPGSPVTAVTDDFKQGQRHTLLVWAPNHYQVVKDGLNQK
PEKGENGIRFVNTFNELITITMSGKVYANISSYNASTYQFFPSGIKGFTISSTEIPPQCQPNFNTFYLEFGSAYTYIVQR
KNDSCPEVKVFEDISANTVNMALQIPQYFLLTCGEVVFSVTGLEFSYSQAPSNMKSVLQAGWLLTVAVGNIIVLIVAGAG
QFSKQWAEYILFAALLLVVCVIFAIMARFYTYINPAEIEAQFDEDEKKNRLEKSNPYFMSGANSQKQM
;
A
2 'polypeptide(L)' AF B
#
# COMPACT_ATOMS: atom_id res chain seq x y z
N TYR A 12 38.36 4.43 -6.68
CA TYR A 12 37.00 4.39 -6.16
C TYR A 12 36.13 3.29 -6.78
N PRO A 13 36.25 3.05 -8.09
CA PRO A 13 35.27 2.17 -8.74
C PRO A 13 35.16 0.80 -8.09
N LEU A 14 36.28 0.20 -7.70
CA LEU A 14 36.24 -1.15 -7.15
C LEU A 14 35.41 -1.20 -5.88
N SER A 15 35.58 -0.23 -4.99
CA SER A 15 34.87 -0.26 -3.71
C SER A 15 33.37 -0.09 -3.89
N ILE A 16 32.94 0.61 -4.95
CA ILE A 16 31.54 0.98 -5.08
C ILE A 16 30.71 -0.19 -5.58
N PHE A 17 31.18 -0.90 -6.60
CA PHE A 17 30.35 -1.91 -7.25
C PHE A 17 29.80 -2.91 -6.25
N PHE A 18 30.58 -3.27 -5.23
CA PHE A 18 30.11 -4.23 -4.25
C PHE A 18 28.90 -3.68 -3.49
N ILE A 19 28.94 -2.40 -3.13
CA ILE A 19 27.84 -1.83 -2.36
C ILE A 19 26.58 -1.75 -3.22
N VAL A 20 26.73 -1.43 -4.51
CA VAL A 20 25.56 -1.30 -5.37
C VAL A 20 24.89 -2.65 -5.57
N VAL A 21 25.66 -3.69 -5.89
CA VAL A 21 25.07 -5.00 -6.09
C VAL A 21 24.49 -5.54 -4.78
N ASN A 22 25.14 -5.25 -3.67
CA ASN A 22 24.63 -5.70 -2.38
C ASN A 22 23.27 -5.07 -2.08
N GLU A 23 23.13 -3.77 -2.35
CA GLU A 23 21.87 -3.10 -2.06
C GLU A 23 20.76 -3.61 -2.97
N PHE A 24 21.09 -3.91 -4.23
CA PHE A 24 20.08 -4.44 -5.14
C PHE A 24 19.54 -5.77 -4.65
N CYS A 25 20.42 -6.68 -4.27
CA CYS A 25 19.97 -7.98 -3.77
C CYS A 25 19.23 -7.85 -2.45
N GLU A 26 19.72 -7.00 -1.55
CA GLU A 26 19.09 -6.86 -0.24
C GLU A 26 17.68 -6.32 -0.37
N ARG A 27 17.47 -5.31 -1.21
CA ARG A 27 16.13 -4.76 -1.38
C ARG A 27 15.27 -5.65 -2.25
N PHE A 28 15.87 -6.42 -3.15
CA PHE A 28 15.12 -7.46 -3.85
C PHE A 28 14.41 -8.36 -2.86
N SER A 29 15.16 -8.84 -1.87
CA SER A 29 14.59 -9.77 -0.89
C SER A 29 13.46 -9.12 -0.11
N TYR A 30 13.68 -7.87 0.35
CA TYR A 30 12.73 -7.26 1.27
C TYR A 30 11.34 -7.16 0.65
N TYR A 31 11.26 -6.65 -0.58
CA TYR A 31 9.96 -6.50 -1.21
C TYR A 31 9.29 -7.85 -1.44
N GLY A 32 10.06 -8.87 -1.82
CA GLY A 32 9.49 -10.19 -2.00
C GLY A 32 8.90 -10.75 -0.72
N MET A 33 9.46 -10.36 0.43
CA MET A 33 8.91 -10.83 1.71
C MET A 33 7.56 -10.18 1.99
N ARG A 34 7.39 -8.91 1.60
CA ARG A 34 6.18 -8.18 1.96
C ARG A 34 4.94 -8.85 1.39
N ALA A 35 4.92 -9.11 0.09
CA ALA A 35 3.73 -9.64 -0.55
C ALA A 35 3.37 -11.00 0.02
N ILE A 36 4.37 -11.88 0.16
CA ILE A 36 4.11 -13.20 0.70
C ILE A 36 3.66 -13.12 2.15
N LEU A 37 4.24 -12.20 2.93
CA LEU A 37 3.96 -12.17 4.35
C LEU A 37 2.49 -11.89 4.62
N ILE A 38 1.90 -10.93 3.91
CA ILE A 38 0.53 -10.54 4.21
C ILE A 38 -0.44 -11.70 3.93
N LEU A 39 -0.17 -12.49 2.90
CA LEU A 39 -1.07 -13.59 2.56
C LEU A 39 -1.14 -14.60 3.70
N TYR A 40 0.01 -14.90 4.32
CA TYR A 40 0.05 -15.97 5.30
C TYR A 40 -0.85 -15.67 6.50
N PHE A 41 -0.88 -14.43 6.95
CA PHE A 41 -1.66 -14.10 8.14
C PHE A 41 -3.14 -14.45 7.96
N THR A 42 -3.63 -14.43 6.72
CA THR A 42 -5.01 -14.81 6.46
C THR A 42 -5.30 -16.25 6.85
N ASN A 43 -4.28 -17.11 6.92
CA ASN A 43 -4.46 -18.49 7.36
C ASN A 43 -4.18 -18.65 8.85
N PHE A 44 -3.14 -17.98 9.36
CA PHE A 44 -2.82 -18.04 10.78
C PHE A 44 -3.82 -17.25 11.63
N ILE A 45 -4.67 -16.44 11.00
CA ILE A 45 -5.62 -15.62 11.77
C ILE A 45 -6.70 -16.49 12.40
N SER A 46 -6.77 -17.77 12.04
CA SER A 46 -7.91 -18.60 12.42
C SER A 46 -7.71 -19.27 13.78
N TRP A 47 -6.90 -18.67 14.64
CA TRP A 47 -6.71 -19.16 15.99
C TRP A 47 -6.84 -18.02 16.99
N ASP A 48 -7.42 -18.31 18.14
CA ASP A 48 -7.65 -17.30 19.17
C ASP A 48 -8.38 -16.10 18.61
N ASN A 50 -8.14 -14.01 15.82
CA ASN A 50 -7.98 -12.67 15.28
C ASN A 50 -6.71 -12.02 15.83
N LEU A 51 -5.95 -12.76 16.64
CA LEU A 51 -4.73 -12.22 17.21
C LEU A 51 -3.71 -11.87 16.14
N SER A 52 -3.71 -12.57 15.01
CA SER A 52 -2.72 -12.32 13.97
C SER A 52 -2.81 -10.89 13.47
N THR A 53 -4.02 -10.37 13.26
CA THR A 53 -4.15 -8.99 12.82
C THR A 53 -3.52 -8.02 13.82
N ALA A 54 -3.58 -8.35 15.11
CA ALA A 54 -2.87 -7.58 16.12
C ALA A 54 -1.36 -7.74 16.02
N ILE A 55 -0.88 -8.92 15.63
CA ILE A 55 0.55 -9.10 15.39
C ILE A 55 1.01 -8.19 14.27
N TYR A 56 0.24 -8.15 13.17
CA TYR A 56 0.56 -7.22 12.09
C TYR A 56 0.29 -5.79 12.56
N HIS A 57 0.55 -4.84 11.67
CA HIS A 57 0.51 -3.41 11.96
C HIS A 57 1.67 -2.96 12.83
N THR A 58 2.64 -3.85 13.10
CA THR A 58 3.91 -3.45 13.67
C THR A 58 4.91 -3.15 12.57
N PHE A 59 4.99 -4.04 11.57
CA PHE A 59 5.93 -3.87 10.47
C PHE A 59 5.59 -2.68 9.58
N VAL A 60 4.41 -2.08 9.75
CA VAL A 60 4.07 -0.91 8.95
C VAL A 60 5.10 0.19 9.09
N ALA A 61 5.60 0.44 10.31
CA ALA A 61 6.62 1.47 10.51
C ALA A 61 7.75 0.97 11.41
N LEU A 62 7.54 -0.15 12.10
CA LEU A 62 8.57 -0.64 13.01
C LEU A 62 9.86 -0.92 12.26
N CYS A 63 9.77 -1.25 10.97
CA CYS A 63 10.97 -1.40 10.15
C CYS A 63 11.71 -0.09 9.99
N TYR A 64 11.10 1.04 10.34
CA TYR A 64 11.76 2.33 10.33
C TYR A 64 12.08 2.87 11.72
N LEU A 65 11.65 2.17 12.78
CA LEU A 65 12.05 2.58 14.13
C LEU A 65 13.37 1.96 14.52
N THR A 66 13.65 0.75 14.05
CA THR A 66 14.91 0.06 14.33
C THR A 66 16.14 0.86 13.92
N PRO A 67 16.17 1.50 12.74
CA PRO A 67 17.40 2.17 12.31
C PRO A 67 18.03 3.04 13.39
N ILE A 68 17.27 3.46 14.39
CA ILE A 68 17.88 4.14 15.54
C ILE A 68 18.94 3.23 16.15
N LEU A 69 18.61 1.95 16.34
CA LEU A 69 19.55 1.04 16.98
C LEU A 69 20.80 0.86 16.12
N GLY A 70 20.64 0.80 14.80
CA GLY A 70 21.80 0.70 13.94
C GLY A 70 22.71 1.91 14.04
N ALA A 71 22.13 3.11 14.11
CA ALA A 71 22.93 4.31 14.19
C ALA A 71 23.68 4.39 15.51
N LEU A 72 23.01 4.10 16.63
CA LEU A 72 23.67 4.17 17.93
C LEU A 72 24.90 3.27 17.98
N ILE A 73 24.84 2.13 17.30
CA ILE A 73 25.90 1.13 17.40
C ILE A 73 27.13 1.58 16.62
N ALA A 74 26.97 1.74 15.30
CA ALA A 74 28.13 1.92 14.45
C ALA A 74 28.93 3.16 14.80
N ASP A 75 28.26 4.29 15.02
CA ASP A 75 28.96 5.54 15.28
C ASP A 75 29.61 5.58 16.66
N SER A 76 29.26 4.67 17.55
CA SER A 76 29.87 4.58 18.86
C SER A 76 30.37 3.20 19.22
N TRP A 77 30.30 2.23 18.31
CA TRP A 77 30.70 0.87 18.64
C TRP A 77 30.80 0.07 17.35
N LEU A 78 31.93 -0.61 17.18
CA LEU A 78 32.13 -1.55 16.09
C LEU A 78 32.33 -0.88 14.74
N GLY A 79 32.14 0.43 14.66
CA GLY A 79 32.18 1.13 13.40
C GLY A 79 31.01 0.74 12.50
N LYS A 80 31.10 1.15 11.25
CA LYS A 80 30.02 0.86 10.29
C LYS A 80 30.23 -0.49 9.62
N PHE A 81 31.49 -0.85 9.33
CA PHE A 81 31.74 -2.08 8.60
C PHE A 81 31.25 -3.30 9.38
N LYS A 82 31.52 -3.35 10.68
CA LYS A 82 31.18 -4.52 11.46
C LYS A 82 29.68 -4.67 11.64
N THR A 83 28.95 -3.56 11.78
CA THR A 83 27.51 -3.67 11.97
C THR A 83 26.77 -4.13 10.73
N ILE A 84 27.29 -3.83 9.54
CA ILE A 84 26.65 -4.31 8.32
C ILE A 84 26.66 -5.84 8.29
N VAL A 85 27.80 -6.44 8.63
CA VAL A 85 27.91 -7.89 8.61
C VAL A 85 27.03 -8.51 9.68
N SER A 86 27.14 -8.00 10.91
CA SER A 86 26.41 -8.62 12.02
C SER A 86 24.91 -8.48 11.85
N LEU A 87 24.41 -7.26 11.62
CA LEU A 87 22.98 -7.08 11.44
C LEU A 87 22.47 -7.80 10.20
N SER A 88 23.34 -8.06 9.24
CA SER A 88 22.93 -8.81 8.05
C SER A 88 22.61 -10.25 8.40
N ILE A 89 23.49 -10.91 9.17
CA ILE A 89 23.31 -12.32 9.47
C ILE A 89 22.00 -12.55 10.19
N VAL A 90 21.75 -11.75 11.24
CA VAL A 90 20.52 -11.92 12.00
C VAL A 90 19.31 -11.69 11.10
N TYR A 91 19.48 -10.93 10.02
CA TYR A 91 18.41 -10.80 9.04
C TYR A 91 18.19 -12.12 8.31
N THR A 92 19.29 -12.77 7.91
CA THR A 92 19.17 -14.07 7.24
C THR A 92 18.55 -15.11 8.16
N ILE A 93 18.97 -15.13 9.43
CA ILE A 93 18.47 -16.12 10.36
C ILE A 93 16.96 -15.97 10.52
N GLY A 94 16.48 -14.74 10.65
CA GLY A 94 15.06 -14.52 10.86
C GLY A 94 14.21 -15.08 9.74
N GLN A 95 14.62 -14.87 8.49
CA GLN A 95 13.85 -15.35 7.35
C GLN A 95 13.81 -16.87 7.33
N ALA A 96 14.97 -17.50 7.54
CA ALA A 96 15.02 -18.97 7.50
C ALA A 96 14.12 -19.57 8.58
N VAL A 97 14.16 -19.02 9.79
CA VAL A 97 13.30 -19.50 10.86
C VAL A 97 11.84 -19.30 10.49
N THR A 98 11.51 -18.12 9.95
CA THR A 98 10.13 -17.85 9.58
C THR A 98 9.65 -18.80 8.50
N SER A 99 10.50 -19.09 7.51
CA SER A 99 10.10 -19.98 6.42
C SER A 99 9.75 -21.36 6.96
N VAL A 100 10.61 -21.94 7.79
CA VAL A 100 10.36 -23.27 8.30
C VAL A 100 9.22 -23.26 9.32
N SER A 101 9.08 -22.19 10.09
CA SER A 101 8.05 -22.15 11.11
C SER A 101 6.66 -22.28 10.51
N SER A 102 6.42 -21.59 9.38
CA SER A 102 5.11 -21.69 8.73
C SER A 102 4.83 -23.13 8.31
N ILE A 103 5.83 -23.80 7.75
CA ILE A 103 5.66 -25.20 7.40
C ILE A 103 5.49 -26.05 8.65
N ASN A 104 6.26 -25.74 9.71
CA ASN A 104 6.12 -26.48 10.95
C ASN A 104 4.74 -26.29 11.57
N ASP A 105 4.17 -25.09 11.45
CA ASP A 105 2.84 -24.84 12.00
C ASP A 105 1.81 -25.72 11.30
N LEU A 106 1.80 -25.73 9.97
CA LEU A 106 0.81 -26.51 9.24
C LEU A 106 1.11 -28.00 9.29
N THR A 107 2.38 -28.39 9.15
CA THR A 107 2.74 -29.80 9.25
C THR A 107 2.59 -30.30 10.69
N ASP A 108 2.95 -29.48 11.66
CA ASP A 108 2.85 -29.85 13.06
C ASP A 108 2.16 -28.74 13.86
N SER A 117 -0.82 -27.89 20.70
CA SER A 117 0.56 -27.42 20.69
C SER A 117 0.77 -26.38 19.60
N LEU A 118 -0.32 -25.89 19.02
CA LEU A 118 -0.24 -24.87 17.97
C LEU A 118 0.56 -23.64 18.38
N PRO A 119 0.36 -23.04 19.56
CA PRO A 119 1.19 -21.88 19.92
C PRO A 119 2.67 -22.21 19.97
N VAL A 120 3.02 -23.45 20.32
CA VAL A 120 4.43 -23.82 20.41
C VAL A 120 5.10 -23.66 19.06
N HIS A 121 4.46 -24.12 17.98
CA HIS A 121 5.02 -23.94 16.65
C HIS A 121 4.93 -22.48 16.22
N VAL A 122 3.87 -21.79 16.63
CA VAL A 122 3.72 -20.38 16.28
C VAL A 122 4.85 -19.55 16.88
N VAL A 123 5.28 -19.89 18.11
CA VAL A 123 6.36 -19.14 18.75
C VAL A 123 7.57 -19.06 17.84
N LEU A 124 7.76 -20.06 16.99
CA LEU A 124 8.87 -20.02 16.05
C LEU A 124 8.74 -18.84 15.10
N SER A 125 7.54 -18.58 14.60
CA SER A 125 7.34 -17.47 13.66
C SER A 125 7.63 -16.14 14.33
N LEU A 126 7.15 -15.97 15.57
CA LEU A 126 7.30 -14.68 16.25
C LEU A 126 8.78 -14.32 16.40
N ILE A 127 9.60 -15.28 16.82
CA ILE A 127 11.02 -15.01 16.96
C ILE A 127 11.62 -14.66 15.61
N GLY A 128 11.26 -15.40 14.57
CA GLY A 128 11.74 -15.08 13.24
C GLY A 128 11.30 -13.70 12.78
N LEU A 129 10.05 -13.35 13.02
CA LEU A 129 9.56 -12.03 12.64
C LEU A 129 10.30 -10.94 13.40
N ALA A 130 10.48 -11.12 14.70
CA ALA A 130 11.19 -10.12 15.49
C ALA A 130 12.64 -10.02 15.04
N LEU A 131 13.27 -11.16 14.76
CA LEU A 131 14.67 -11.14 14.34
C LEU A 131 14.84 -10.47 12.99
N ILE A 132 13.79 -10.47 12.16
CA ILE A 132 13.87 -9.80 10.87
C ILE A 132 13.86 -8.28 11.05
N ALA A 133 13.05 -7.78 11.98
CA ALA A 133 12.89 -6.34 12.13
C ALA A 133 14.23 -5.65 12.36
N LEU A 134 15.09 -6.23 13.18
CA LEU A 134 16.39 -5.61 13.42
C LEU A 134 17.21 -5.56 12.14
N GLY A 135 17.11 -6.59 11.32
CA GLY A 135 17.87 -6.60 10.07
C GLY A 135 17.46 -5.50 9.13
N THR A 136 16.15 -5.30 8.95
CA THR A 136 15.67 -4.30 8.01
C THR A 136 15.99 -2.89 8.46
N GLY A 137 16.19 -2.68 9.76
CA GLY A 137 16.41 -1.35 10.28
C GLY A 137 17.86 -0.97 10.38
N GLY A 138 18.67 -1.80 11.02
CA GLY A 138 20.06 -1.45 11.24
C GLY A 138 20.86 -1.30 9.97
N ILE A 139 20.34 -1.78 8.84
CA ILE A 139 21.12 -1.77 7.60
C ILE A 139 20.87 -0.50 6.82
N LYS A 140 19.66 0.04 6.86
CA LYS A 140 19.34 1.18 6.02
C LYS A 140 20.24 2.38 6.29
N PRO A 141 20.41 2.85 7.53
CA PRO A 141 21.28 4.01 7.74
C PRO A 141 22.74 3.70 7.56
N CYS A 142 23.17 2.48 7.91
CA CYS A 142 24.59 2.16 7.88
C CYS A 142 25.10 2.02 6.45
N VAL A 143 24.36 1.29 5.60
CA VAL A 143 24.84 1.04 4.25
C VAL A 143 24.91 2.33 3.45
N SER A 144 23.90 3.19 3.59
CA SER A 144 23.85 4.41 2.79
C SER A 144 25.06 5.30 3.06
N ALA A 145 25.36 5.54 4.34
CA ALA A 145 26.50 6.38 4.68
C ALA A 145 27.82 5.70 4.33
N PHE A 146 27.87 4.38 4.44
CA PHE A 146 29.13 3.68 4.22
C PHE A 146 29.64 3.88 2.81
N GLY A 147 28.75 4.02 1.83
CA GLY A 147 29.19 4.28 0.47
C GLY A 147 29.84 5.65 0.33
N GLY A 148 29.23 6.67 0.95
CA GLY A 148 29.72 8.02 0.76
C GLY A 148 31.16 8.20 1.19
N ASP A 149 31.61 7.38 2.16
CA ASP A 149 32.95 7.55 2.70
C ASP A 149 34.04 7.29 1.67
N GLN A 150 33.70 6.65 0.56
CA GLN A 150 34.71 6.25 -0.43
C GLN A 150 35.20 7.41 -1.29
N PHE A 151 34.58 8.57 -1.21
CA PHE A 151 34.98 9.75 -1.97
C PHE A 151 35.50 10.82 -1.03
N GLU A 152 36.73 11.28 -1.29
CA GLU A 152 37.39 12.21 -0.39
C GLU A 152 38.07 13.38 -1.10
N GLU A 153 38.41 13.20 -2.37
CA GLU A 153 39.24 14.18 -3.08
C GLU A 153 38.39 15.26 -3.73
N GLY A 154 37.63 15.99 -2.91
CA GLY A 154 36.79 17.05 -3.44
C GLY A 154 35.84 16.57 -4.52
N GLN A 155 35.50 15.29 -4.52
CA GLN A 155 34.72 14.68 -5.58
C GLN A 155 33.22 14.83 -5.38
N GLU A 156 32.74 16.08 -5.33
CA GLU A 156 31.29 16.30 -5.21
C GLU A 156 30.56 15.72 -6.41
N LYS A 157 31.08 15.93 -7.61
CA LYS A 157 30.40 15.43 -8.81
C LYS A 157 30.27 13.92 -8.77
N GLN A 158 31.33 13.22 -8.40
CA GLN A 158 31.25 11.77 -8.31
C GLN A 158 30.33 11.35 -7.17
N ARG A 159 30.42 12.01 -6.02
CA ARG A 159 29.60 11.63 -4.88
C ARG A 159 28.12 11.81 -5.19
N ASN A 160 27.77 12.90 -5.86
CA ASN A 160 26.38 13.10 -6.26
C ASN A 160 25.92 12.01 -7.21
N ARG A 161 26.79 11.60 -8.13
CA ARG A 161 26.43 10.52 -9.04
C ARG A 161 26.03 9.26 -8.29
N PHE A 162 26.81 8.89 -7.28
CA PHE A 162 26.54 7.65 -6.56
C PHE A 162 25.15 7.63 -5.97
N PHE A 163 24.78 8.68 -5.25
CA PHE A 163 23.52 8.65 -4.51
C PHE A 163 22.31 8.53 -5.42
N SER A 164 22.44 8.91 -6.70
CA SER A 164 21.34 8.68 -7.64
C SER A 164 21.36 7.25 -8.16
N ILE A 165 22.56 6.71 -8.45
CA ILE A 165 22.66 5.32 -8.85
C ILE A 165 22.23 4.40 -7.72
N PHE A 166 22.65 4.70 -6.50
CA PHE A 166 22.24 3.90 -5.35
C PHE A 166 20.73 3.90 -5.19
N TYR A 167 20.10 5.06 -5.39
CA TYR A 167 18.65 5.14 -5.31
C TYR A 167 17.98 4.48 -6.50
N LEU A 168 18.70 4.33 -7.61
CA LEU A 168 18.15 3.63 -8.76
C LEU A 168 18.14 2.13 -8.54
N ALA A 169 19.15 1.60 -7.85
CA ALA A 169 19.21 0.17 -7.62
C ALA A 169 18.08 -0.30 -6.71
N ILE A 170 17.67 0.55 -5.76
CA ILE A 170 16.59 0.18 -4.86
C ILE A 170 15.35 -0.20 -5.65
N ASN A 171 15.03 0.60 -6.68
CA ASN A 171 13.84 0.33 -7.47
C ASN A 171 14.05 -0.82 -8.45
N ALA A 172 15.25 -0.96 -9.01
CA ALA A 172 15.52 -2.11 -9.87
C ALA A 172 15.23 -3.41 -9.12
N GLY A 173 15.40 -3.40 -7.79
CA GLY A 173 14.95 -4.53 -7.01
C GLY A 173 13.44 -4.61 -6.90
N SER A 174 12.80 -3.46 -6.66
CA SER A 174 11.34 -3.45 -6.52
C SER A 174 10.68 -3.93 -7.80
N LEU A 175 11.16 -3.46 -8.94
CA LEU A 175 10.55 -3.84 -10.22
C LEU A 175 10.67 -5.34 -10.45
N LEU A 176 11.88 -5.88 -10.33
CA LEU A 176 12.08 -7.30 -10.60
C LEU A 176 11.37 -8.17 -9.57
N SER A 177 11.23 -7.67 -8.34
CA SER A 177 10.48 -8.43 -7.34
C SER A 177 9.02 -8.61 -7.76
N THR A 178 8.42 -7.58 -8.34
CA THR A 178 7.01 -7.67 -8.71
C THR A 178 6.79 -8.71 -9.81
N ILE A 179 7.66 -8.73 -10.82
CA ILE A 179 7.47 -9.66 -11.92
C ILE A 179 7.76 -11.09 -11.49
N ILE A 180 8.82 -11.29 -10.70
CA ILE A 180 9.25 -12.64 -10.38
C ILE A 180 8.26 -13.33 -9.43
N THR A 181 7.81 -12.61 -8.40
CA THR A 181 7.08 -13.28 -7.32
C THR A 181 5.83 -14.00 -7.80
N PRO A 182 4.94 -13.40 -8.59
CA PRO A 182 3.73 -14.14 -9.00
C PRO A 182 4.03 -15.44 -9.70
N MET A 183 5.05 -15.47 -10.57
CA MET A 183 5.45 -16.72 -11.19
C MET A 183 5.97 -17.69 -10.15
N LEU A 184 6.76 -17.20 -9.20
CA LEU A 184 7.32 -18.08 -8.17
C LEU A 184 6.22 -18.72 -7.34
N ARG A 185 5.20 -17.95 -6.96
CA ARG A 185 4.16 -18.46 -6.10
C ARG A 185 3.35 -19.54 -6.81
N VAL A 186 2.64 -20.33 -6.00
CA VAL A 186 1.75 -21.40 -6.48
C VAL A 186 2.45 -22.24 -7.53
N GLN A 187 3.77 -22.39 -7.42
CA GLN A 187 4.50 -23.26 -8.33
C GLN A 187 4.26 -24.73 -8.01
N GLN A 188 4.19 -25.06 -6.72
CA GLN A 188 3.99 -26.44 -6.29
C GLN A 188 2.54 -26.85 -6.49
N GLN A 195 -0.74 -23.81 -1.55
CA GLN A 195 -0.05 -23.48 -0.30
C GLN A 195 1.25 -24.28 -0.19
N ALA A 196 1.36 -25.36 -0.97
CA ALA A 196 2.55 -26.19 -0.91
C ALA A 196 3.80 -25.45 -1.35
N CYS A 197 3.66 -24.30 -2.00
CA CYS A 197 4.80 -23.53 -2.46
C CYS A 197 5.33 -22.59 -1.38
N TYR A 198 4.74 -22.57 -0.20
CA TYR A 198 5.17 -21.67 0.87
C TYR A 198 6.65 -21.81 1.16
N PRO A 199 7.20 -23.04 1.25
CA PRO A 199 8.64 -23.14 1.54
C PRO A 199 9.49 -22.37 0.55
N LEU A 200 9.14 -22.40 -0.73
CA LEU A 200 9.85 -21.60 -1.71
C LEU A 200 9.56 -20.12 -1.53
N ALA A 201 8.31 -19.80 -1.15
CA ALA A 201 7.91 -18.40 -1.05
C ALA A 201 8.85 -17.63 -0.12
N PHE A 202 9.08 -18.14 1.08
CA PHE A 202 10.03 -17.51 1.99
C PHE A 202 11.45 -17.97 1.72
N GLY A 203 11.62 -19.20 1.21
CA GLY A 203 12.96 -19.73 1.04
C GLY A 203 13.79 -18.95 0.02
N VAL A 204 13.21 -18.64 -1.14
CA VAL A 204 13.98 -17.99 -2.20
C VAL A 204 14.44 -16.61 -1.77
N PRO A 205 13.59 -15.73 -1.25
CA PRO A 205 14.10 -14.42 -0.78
C PRO A 205 15.23 -14.57 0.23
N ALA A 206 15.14 -15.54 1.14
CA ALA A 206 16.23 -15.78 2.07
C ALA A 206 17.49 -16.18 1.33
N ALA A 207 17.36 -16.97 0.26
CA ALA A 207 18.53 -17.43 -0.48
C ALA A 207 19.30 -16.25 -1.07
N LEU A 208 18.59 -15.28 -1.63
CA LEU A 208 19.27 -14.16 -2.29
C LEU A 208 20.13 -13.38 -1.31
N MET A 209 19.55 -12.96 -0.18
CA MET A 209 20.31 -12.11 0.74
C MET A 209 21.60 -12.77 1.16
N ALA A 210 21.62 -14.11 1.24
CA ALA A 210 22.87 -14.80 1.51
C ALA A 210 23.92 -14.44 0.47
N VAL A 211 23.51 -14.34 -0.80
CA VAL A 211 24.43 -13.89 -1.84
C VAL A 211 24.81 -12.43 -1.60
N ALA A 212 23.84 -11.63 -1.15
CA ALA A 212 24.14 -10.23 -0.86
C ALA A 212 25.21 -10.10 0.22
N LEU A 213 25.09 -10.89 1.28
CA LEU A 213 26.07 -10.83 2.35
C LEU A 213 27.45 -11.26 1.86
N ILE A 214 27.49 -12.32 1.04
CA ILE A 214 28.76 -12.87 0.59
C ILE A 214 29.50 -11.87 -0.28
N VAL A 215 28.80 -11.23 -1.22
CA VAL A 215 29.45 -10.29 -2.12
C VAL A 215 29.98 -9.09 -1.36
N PHE A 216 29.20 -8.56 -0.41
CA PHE A 216 29.65 -7.40 0.35
C PHE A 216 30.93 -7.70 1.12
N VAL A 217 30.97 -8.86 1.78
CA VAL A 217 32.15 -9.23 2.55
C VAL A 217 33.35 -9.42 1.62
N LEU A 218 33.11 -9.93 0.41
CA LEU A 218 34.21 -10.22 -0.50
C LEU A 218 35.07 -8.99 -0.78
N GLY A 219 34.49 -7.80 -0.63
CA GLY A 219 35.21 -6.57 -0.91
C GLY A 219 35.91 -5.95 0.27
N SER A 220 36.06 -6.68 1.38
CA SER A 220 36.65 -6.10 2.57
C SER A 220 38.01 -5.48 2.30
N GLY A 221 38.79 -6.10 1.40
CA GLY A 221 40.12 -5.58 1.11
C GLY A 221 40.11 -4.25 0.40
N MET A 222 38.97 -3.86 -0.17
CA MET A 222 38.88 -2.62 -0.95
C MET A 222 38.22 -1.48 -0.20
N TYR A 223 37.47 -1.76 0.86
CA TYR A 223 36.73 -0.71 1.55
C TYR A 223 37.67 0.23 2.29
N LYS A 224 37.16 1.43 2.56
CA LYS A 224 37.82 2.40 3.41
C LYS A 224 36.94 2.61 4.64
N LYS A 225 37.52 2.42 5.83
CA LYS A 225 36.73 2.35 7.05
C LYS A 225 37.38 3.17 8.16
N PHE A 226 36.54 3.63 9.08
CA PHE A 226 36.97 4.43 10.22
C PHE A 226 36.27 3.93 11.48
N LYS A 227 37.01 3.90 12.59
CA LYS A 227 36.47 3.35 13.83
C LYS A 227 36.12 4.44 14.81
N PRO A 228 35.09 4.25 15.64
CA PRO A 228 34.75 5.25 16.65
C PRO A 228 35.85 5.35 17.71
N GLN A 229 36.00 6.54 18.27
CA GLN A 229 37.02 6.78 19.29
C GLN A 229 36.51 6.60 20.71
N GLY A 230 35.22 6.36 20.89
CA GLY A 230 34.69 6.20 22.24
C GLY A 230 33.17 6.21 22.21
N ASN A 231 32.60 6.30 23.41
CA ASN A 231 31.16 6.35 23.56
C ASN A 231 30.62 7.74 23.25
N ILE A 232 30.54 8.08 21.97
CA ILE A 232 30.05 9.40 21.57
C ILE A 232 28.64 9.62 22.09
N MET A 233 27.81 8.58 22.04
CA MET A 233 26.45 8.69 22.54
C MET A 233 26.44 9.24 23.97
N GLY A 234 27.27 8.67 24.83
CA GLY A 234 27.34 9.16 26.20
C GLY A 234 27.82 10.60 26.27
N LYS A 235 28.87 10.92 25.53
CA LYS A 235 29.42 12.26 25.56
C LYS A 235 28.38 13.28 25.11
N VAL A 236 27.67 12.99 24.02
CA VAL A 236 26.67 13.93 23.51
C VAL A 236 25.56 14.11 24.54
N ALA A 237 25.06 13.01 25.11
CA ALA A 237 23.99 13.12 26.09
C ALA A 237 24.46 13.88 27.33
N LYS A 238 25.66 13.56 27.82
CA LYS A 238 26.17 14.24 29.00
C LYS A 238 26.36 15.72 28.75
N CYS A 239 26.92 16.09 27.60
CA CYS A 239 27.14 17.50 27.29
C CYS A 239 25.82 18.24 27.22
N ILE A 240 24.83 17.66 26.55
CA ILE A 240 23.51 18.28 26.49
C ILE A 240 22.89 18.34 27.88
N GLY A 241 23.01 17.26 28.64
CA GLY A 241 22.44 17.23 29.97
C GLY A 241 23.03 18.30 30.87
N PHE A 242 24.35 18.48 30.81
CA PHE A 242 24.98 19.51 31.62
C PHE A 242 24.51 20.90 31.21
N ALA A 243 24.35 21.12 29.90
CA ALA A 243 24.00 22.45 29.40
C ALA A 243 22.63 22.88 29.91
N ILE A 244 21.62 22.03 29.75
CA ILE A 244 20.25 22.44 30.06
C ILE A 244 20.12 22.80 31.54
N LYS A 245 20.65 21.95 32.42
CA LYS A 245 20.54 22.22 33.85
C LYS A 245 21.28 23.51 34.22
N ASN A 246 22.50 23.67 33.70
CA ASN A 246 23.24 24.89 33.97
C ASN A 246 22.53 26.12 33.43
N ARG A 247 21.97 26.02 32.22
CA ARG A 247 21.23 27.13 31.66
C ARG A 247 20.05 27.51 32.55
N PHE A 248 19.42 26.51 33.17
CA PHE A 248 18.33 26.78 34.09
C PHE A 248 18.78 27.68 35.23
N ARG A 249 19.97 27.45 35.77
CA ARG A 249 20.53 28.35 36.76
C ARG A 249 20.84 29.69 36.12
N HIS A 250 21.27 30.64 36.96
CA HIS A 250 21.57 32.00 36.49
C HIS A 250 20.33 32.66 35.89
N ARG A 251 19.20 32.56 36.60
CA ARG A 251 17.95 33.09 36.08
C ARG A 251 18.02 34.59 35.83
N SER A 252 18.61 35.34 36.76
CA SER A 252 18.71 36.79 36.64
C SER A 252 20.15 37.26 36.44
N LYS A 253 21.04 36.38 35.98
CA LYS A 253 22.45 36.72 35.79
C LYS A 253 22.85 36.25 34.39
N ALA A 254 22.83 37.18 33.44
CA ALA A 254 23.17 36.90 32.05
C ALA A 254 22.34 35.76 31.47
N PHE A 255 21.10 35.62 31.93
CA PHE A 255 20.24 34.55 31.40
C PHE A 255 20.08 34.58 29.89
N PRO A 256 19.85 35.73 29.24
CA PRO A 256 19.67 35.71 27.78
C PRO A 256 20.84 35.03 27.09
N LYS A 257 20.54 33.94 26.40
CA LYS A 257 21.57 33.15 25.74
C LYS A 257 22.11 33.85 24.49
N ARG A 258 23.36 33.57 24.18
CA ARG A 258 23.93 33.84 22.87
C ARG A 258 23.83 32.64 21.95
N GLU A 259 23.95 31.44 22.53
CA GLU A 259 23.62 30.18 21.88
C GLU A 259 22.85 29.34 22.88
N HIS A 260 21.70 28.82 22.46
CA HIS A 260 20.73 28.28 23.42
C HIS A 260 21.36 27.23 24.31
N TRP A 261 22.36 26.51 23.79
CA TRP A 261 23.03 25.47 24.56
C TRP A 261 24.53 25.70 24.69
N LEU A 262 25.16 26.27 23.66
CA LEU A 262 26.62 26.31 23.61
C LEU A 262 27.20 27.19 24.70
N ASP A 263 26.55 28.30 25.04
CA ASP A 263 27.09 29.19 26.06
C ASP A 263 27.31 28.45 27.38
N TRP A 264 26.44 27.52 27.71
CA TRP A 264 26.43 26.90 29.03
C TRP A 264 27.19 25.58 29.07
N ALA A 265 27.20 24.83 27.98
CA ALA A 265 28.01 23.62 27.93
C ALA A 265 29.50 23.96 27.85
N LYS A 266 29.84 25.10 27.24
CA LYS A 266 31.24 25.45 27.05
C LYS A 266 31.98 25.60 28.37
N GLU A 267 31.25 25.80 29.47
CA GLU A 267 31.90 26.00 30.76
C GLU A 267 32.82 24.83 31.13
N LYS A 268 32.48 23.62 30.68
CA LYS A 268 33.21 22.43 31.09
C LYS A 268 33.71 21.60 29.92
N TYR A 269 32.92 21.52 28.85
CA TYR A 269 33.18 20.56 27.79
C TYR A 269 34.08 21.15 26.71
N ASP A 270 34.58 20.26 25.86
CA ASP A 270 35.50 20.66 24.79
C ASP A 270 34.79 21.56 23.79
N GLU A 271 35.55 22.47 23.18
CA GLU A 271 34.95 23.41 22.25
C GLU A 271 34.61 22.76 20.91
N ARG A 272 35.51 21.92 20.39
CA ARG A 272 35.24 21.32 19.09
C ARG A 272 34.03 20.40 19.14
N LEU A 273 33.88 19.63 20.22
CA LEU A 273 32.70 18.79 20.36
C LEU A 273 31.45 19.63 20.38
N ILE A 274 31.50 20.80 21.02
CA ILE A 274 30.36 21.71 21.00
C ILE A 274 29.98 22.06 19.57
N SER A 275 30.99 22.29 18.71
CA SER A 275 30.70 22.61 17.32
C SER A 275 29.95 21.47 16.64
N GLN A 276 30.37 20.23 16.88
CA GLN A 276 29.77 19.10 16.17
C GLN A 276 28.30 18.93 16.54
N ILE A 277 27.98 18.94 17.83
CA ILE A 277 26.59 18.76 18.23
C ILE A 277 25.73 19.88 17.68
N LYS A 278 26.33 21.02 17.38
CA LYS A 278 25.55 22.14 16.84
C LYS A 278 25.18 21.90 15.39
N MET A 279 26.10 21.36 14.59
CA MET A 279 25.82 21.12 13.18
C MET A 279 24.63 20.18 13.01
N VAL A 280 24.61 19.10 13.78
CA VAL A 280 23.50 18.16 13.67
C VAL A 280 22.20 18.79 14.12
N THR A 281 22.27 19.66 15.14
CA THR A 281 21.04 20.28 15.65
C THR A 281 20.38 21.15 14.60
N ARG A 282 21.17 21.96 13.87
CA ARG A 282 20.59 22.81 12.84
C ARG A 282 20.02 22.00 11.70
N VAL A 283 20.80 21.02 11.20
CA VAL A 283 20.35 20.21 10.07
C VAL A 283 19.04 19.54 10.41
N MET A 284 18.93 19.00 11.63
CA MET A 284 17.75 18.24 12.01
C MET A 284 16.53 19.13 12.23
N PHE A 285 16.74 20.41 12.51
CA PHE A 285 15.60 21.30 12.75
C PHE A 285 14.71 21.38 11.53
N LEU A 286 15.27 21.19 10.32
CA LEU A 286 14.52 21.32 9.09
C LEU A 286 13.64 20.11 8.80
N TYR A 287 13.83 18.99 9.48
CA TYR A 287 13.03 17.80 9.22
C TYR A 287 11.72 17.79 9.98
N ILE A 288 11.46 18.80 10.82
CA ILE A 288 10.18 18.85 11.54
C ILE A 288 9.00 18.92 10.58
N PRO A 289 9.04 19.72 9.51
CA PRO A 289 7.86 19.79 8.63
C PRO A 289 7.79 18.67 7.60
N LEU A 290 8.91 18.01 7.31
CA LEU A 290 8.93 17.01 6.24
C LEU A 290 7.94 15.87 6.43
N PRO A 291 7.83 15.25 7.62
CA PRO A 291 7.07 14.01 7.71
C PRO A 291 5.65 14.10 7.20
N MET A 292 5.16 15.29 6.86
CA MET A 292 3.86 15.38 6.18
C MET A 292 3.95 14.84 4.76
N PHE A 293 5.06 15.12 4.07
CA PHE A 293 5.20 14.66 2.70
C PHE A 293 5.16 13.14 2.59
N TRP A 294 5.81 12.45 3.52
CA TRP A 294 5.85 11.00 3.46
C TRP A 294 4.50 10.38 3.79
N ALA A 295 3.59 11.16 4.37
CA ALA A 295 2.22 10.67 4.54
C ALA A 295 1.46 10.71 3.22
N LEU A 296 1.69 11.74 2.41
CA LEU A 296 1.01 11.83 1.11
C LEU A 296 1.55 10.78 0.14
N PHE A 297 2.87 10.59 0.09
CA PHE A 297 3.44 9.64 -0.85
C PHE A 297 2.96 8.23 -0.57
N ASP A 298 2.56 7.94 0.67
CA ASP A 298 2.12 6.59 1.02
C ASP A 298 0.73 6.27 0.50
N GLN A 299 -0.08 7.29 0.18
CA GLN A 299 -1.44 7.04 -0.26
C GLN A 299 -1.51 6.22 -1.53
N GLN A 300 -0.44 6.21 -2.34
CA GLN A 300 -0.52 5.54 -3.63
C GLN A 300 -0.69 4.04 -3.48
N GLY A 301 -0.20 3.46 -2.40
CA GLY A 301 -0.34 2.04 -2.17
C GLY A 301 -1.74 1.59 -1.86
N SER A 302 -2.39 2.28 -0.92
CA SER A 302 -3.71 1.86 -0.46
C SER A 302 -4.83 2.68 -1.10
N ARG A 303 -4.78 4.00 -0.93
CA ARG A 303 -5.92 4.83 -1.31
C ARG A 303 -6.20 4.77 -2.80
N TRP A 304 -5.17 4.83 -3.63
CA TRP A 304 -5.36 4.79 -5.07
C TRP A 304 -5.66 3.39 -5.59
N THR A 305 -5.06 2.35 -5.00
CA THR A 305 -5.39 1.00 -5.42
C THR A 305 -6.87 0.74 -5.32
N LEU A 306 -7.54 1.33 -4.34
CA LEU A 306 -9.00 1.23 -4.28
C LEU A 306 -9.65 1.95 -5.45
N GLN A 307 -9.11 3.11 -5.84
CA GLN A 307 -9.70 3.85 -6.94
C GLN A 307 -9.64 3.04 -8.23
N ALA A 308 -8.52 2.38 -8.49
CA ALA A 308 -8.39 1.60 -9.72
C ALA A 308 -9.48 0.56 -9.83
N THR A 309 -9.93 0.02 -8.69
CA THR A 309 -10.98 -1.00 -8.72
C THR A 309 -12.24 -0.48 -9.37
N THR A 310 -12.65 0.75 -9.04
CA THR A 310 -13.89 1.32 -9.54
C THR A 310 -13.69 2.05 -10.87
N MET A 311 -12.47 2.03 -11.41
CA MET A 311 -12.15 2.67 -12.69
C MET A 311 -11.26 1.66 -13.42
N SER A 312 -11.88 0.77 -14.18
CA SER A 312 -11.12 -0.38 -14.68
C SER A 312 -11.43 -0.75 -16.13
N GLY A 313 -11.92 0.18 -16.96
CA GLY A 313 -11.93 -0.09 -18.37
C GLY A 313 -10.55 -0.57 -18.76
N LYS A 314 -10.43 -1.48 -19.72
CA LYS A 314 -9.17 -2.15 -19.98
C LYS A 314 -8.70 -1.91 -21.41
N ILE A 315 -7.41 -1.60 -21.54
CA ILE A 315 -6.81 -1.40 -22.85
C ILE A 315 -7.09 -2.61 -23.72
N GLY A 316 -7.38 -2.36 -25.00
CA GLY A 316 -7.69 -3.45 -25.91
C GLY A 316 -6.54 -4.41 -26.12
N ALA A 317 -5.31 -3.96 -25.91
CA ALA A 317 -4.15 -4.78 -26.19
C ALA A 317 -3.79 -5.74 -25.07
N LEU A 318 -4.19 -5.45 -23.83
CA LEU A 318 -3.75 -6.26 -22.69
C LEU A 318 -4.87 -6.29 -21.65
N GLU A 319 -4.55 -6.80 -20.46
CA GLU A 319 -5.55 -7.10 -19.45
C GLU A 319 -5.11 -6.68 -18.05
N ILE A 320 -4.42 -5.54 -17.92
CA ILE A 320 -3.82 -5.16 -16.64
C ILE A 320 -4.88 -5.14 -15.55
N GLN A 321 -4.54 -5.74 -14.38
CA GLN A 321 -5.46 -5.85 -13.25
C GLN A 321 -5.37 -4.63 -12.35
N PRO A 322 -6.40 -4.41 -11.51
CA PRO A 322 -6.40 -3.19 -10.69
C PRO A 322 -5.18 -3.06 -9.78
N ASP A 323 -4.72 -4.15 -9.19
CA ASP A 323 -3.64 -4.05 -8.21
C ASP A 323 -2.25 -4.02 -8.84
N GLN A 324 -2.13 -4.08 -10.15
CA GLN A 324 -0.84 -4.05 -10.81
C GLN A 324 -0.37 -2.65 -11.16
N MET A 325 -1.22 -1.64 -11.01
CA MET A 325 -0.86 -0.30 -11.47
C MET A 325 0.33 0.24 -10.70
N GLN A 326 0.39 0.02 -9.39
CA GLN A 326 1.45 0.59 -8.58
C GLN A 326 2.83 0.28 -9.15
N THR A 327 2.96 -0.74 -9.99
CA THR A 327 4.23 -1.03 -10.62
C THR A 327 4.69 0.13 -11.50
N VAL A 328 3.75 0.97 -11.95
CA VAL A 328 4.11 2.04 -12.88
C VAL A 328 5.08 3.01 -12.23
N ASN A 329 5.00 3.17 -10.90
CA ASN A 329 5.92 4.10 -10.24
C ASN A 329 7.36 3.62 -10.34
N ALA A 330 7.60 2.32 -10.14
CA ALA A 330 8.95 1.80 -10.26
C ALA A 330 9.45 1.93 -11.70
N ILE A 331 8.59 1.69 -12.67
CA ILE A 331 9.00 1.76 -14.07
C ILE A 331 9.44 3.18 -14.43
N LEU A 332 8.66 4.17 -14.02
CA LEU A 332 9.01 5.56 -14.34
C LEU A 332 10.30 5.97 -13.67
N ILE A 333 10.47 5.59 -12.40
CA ILE A 333 11.60 6.12 -11.63
C ILE A 333 12.92 5.53 -12.10
N VAL A 334 12.89 4.46 -12.88
CA VAL A 334 14.11 3.87 -13.41
C VAL A 334 14.46 4.53 -14.74
N ILE A 335 13.54 5.33 -15.28
CA ILE A 335 13.81 6.09 -16.49
C ILE A 335 13.92 7.59 -16.22
N MET A 336 13.16 8.12 -15.26
CA MET A 336 13.27 9.54 -14.95
C MET A 336 14.66 9.87 -14.41
N VAL A 337 15.20 9.03 -13.52
CA VAL A 337 16.43 9.37 -12.82
C VAL A 337 17.56 9.63 -13.80
N PRO A 338 17.82 8.78 -14.80
CA PRO A 338 18.87 9.13 -15.77
C PRO A 338 18.60 10.44 -16.48
N ILE A 339 17.34 10.75 -16.78
CA ILE A 339 17.02 11.96 -17.53
C ILE A 339 17.42 13.20 -16.73
N PHE A 340 17.00 13.26 -15.47
CA PHE A 340 17.22 14.47 -14.68
C PHE A 340 18.70 14.76 -14.52
N ASP A 341 19.50 13.74 -14.21
CA ASP A 341 20.93 13.96 -14.03
C ASP A 341 21.64 14.15 -15.36
N ALA A 342 21.11 13.57 -16.43
CA ALA A 342 21.82 13.61 -17.70
C ALA A 342 21.69 14.96 -18.40
N VAL A 343 20.46 15.47 -18.54
CA VAL A 343 20.22 16.63 -19.39
C VAL A 343 19.57 17.77 -18.63
N LEU A 344 18.47 17.50 -17.92
CA LEU A 344 17.66 18.58 -17.36
C LEU A 344 18.49 19.49 -16.46
N TYR A 345 19.20 18.91 -15.49
CA TYR A 345 19.97 19.75 -14.58
C TYR A 345 21.04 20.56 -15.30
N PRO A 346 21.83 20.00 -16.22
CA PRO A 346 22.75 20.85 -16.99
C PRO A 346 22.09 22.04 -17.66
N LEU A 347 20.89 21.85 -18.22
CA LEU A 347 20.22 22.95 -18.89
C LEU A 347 19.83 24.05 -17.91
N ILE A 348 19.30 23.68 -16.75
CA ILE A 348 18.88 24.70 -15.78
C ILE A 348 20.08 25.54 -15.36
N ALA A 349 21.24 24.92 -15.22
CA ALA A 349 22.44 25.67 -14.87
C ALA A 349 22.79 26.67 -15.97
N LYS A 350 22.64 26.26 -17.23
CA LYS A 350 23.08 27.11 -18.33
C LYS A 350 22.32 28.44 -18.37
N CYS A 351 21.07 28.45 -17.95
CA CYS A 351 20.32 29.70 -17.87
C CYS A 351 20.56 30.45 -16.56
N GLY A 352 21.34 29.89 -15.64
CA GLY A 352 21.76 30.60 -14.46
C GLY A 352 20.82 30.56 -13.28
N PHE A 353 19.99 29.51 -13.16
CA PHE A 353 19.07 29.43 -12.03
C PHE A 353 19.77 29.02 -10.74
N ASN A 354 20.88 28.30 -10.82
CA ASN A 354 21.67 27.93 -9.64
C ASN A 354 20.82 27.12 -8.65
N PHE A 355 20.42 25.93 -9.08
CA PHE A 355 19.54 25.07 -8.31
C PHE A 355 20.32 24.50 -7.12
N THR A 356 19.93 24.87 -5.91
CA THR A 356 20.58 24.37 -4.71
C THR A 356 19.76 23.24 -4.08
N SER A 357 20.38 22.55 -3.12
CA SER A 357 19.74 21.39 -2.51
C SER A 357 18.45 21.77 -1.79
N LEU A 358 18.44 22.91 -1.10
CA LEU A 358 17.20 23.36 -0.47
C LEU A 358 16.15 23.71 -1.53
N LYS A 359 16.56 24.31 -2.64
CA LYS A 359 15.61 24.68 -3.68
C LYS A 359 14.93 23.44 -4.27
N LYS A 360 15.71 22.40 -4.53
CA LYS A 360 15.15 21.20 -5.15
C LYS A 360 14.11 20.55 -4.25
N MET A 361 14.39 20.46 -2.95
CA MET A 361 13.42 19.86 -2.04
C MET A 361 12.14 20.66 -1.99
N ALA A 362 12.24 21.98 -1.98
CA ALA A 362 11.04 22.82 -1.95
C ALA A 362 10.19 22.60 -3.18
N VAL A 363 10.82 22.53 -4.35
CA VAL A 363 10.07 22.32 -5.59
C VAL A 363 9.44 20.94 -5.62
N GLY A 364 10.15 19.94 -5.08
CA GLY A 364 9.63 18.59 -5.13
C GLY A 364 8.30 18.43 -4.40
N MET A 365 8.14 19.13 -3.28
CA MET A 365 6.90 19.02 -2.52
C MET A 365 5.72 19.63 -3.27
N VAL A 366 5.98 20.59 -4.15
CA VAL A 366 4.89 21.21 -4.91
C VAL A 366 4.33 20.23 -5.93
N LEU A 367 5.21 19.50 -6.63
CA LEU A 367 4.73 18.58 -7.66
C LEU A 367 3.82 17.52 -7.06
N ALA A 368 4.27 16.86 -5.98
CA ALA A 368 3.45 15.85 -5.35
C ALA A 368 2.12 16.44 -4.88
N SER A 369 2.10 17.74 -4.61
CA SER A 369 0.84 18.40 -4.31
C SER A 369 -0.05 18.48 -5.55
N MET A 370 0.54 18.79 -6.70
CA MET A 370 -0.23 18.81 -7.94
C MET A 370 -0.55 17.42 -8.44
N ALA A 371 0.19 16.40 -7.98
CA ALA A 371 -0.16 15.03 -8.32
C ALA A 371 -1.49 14.64 -7.71
N PHE A 372 -1.76 15.09 -6.47
CA PHE A 372 -2.99 14.72 -5.81
C PHE A 372 -4.19 15.43 -6.41
N VAL A 373 -4.07 16.74 -6.67
CA VAL A 373 -5.22 17.51 -7.13
C VAL A 373 -5.77 16.92 -8.42
N VAL A 374 -4.90 16.30 -9.22
CA VAL A 374 -5.37 15.63 -10.43
C VAL A 374 -6.32 14.50 -10.07
N ALA A 375 -6.04 13.80 -8.98
CA ALA A 375 -6.88 12.66 -8.60
C ALA A 375 -8.31 13.10 -8.34
N ALA A 376 -8.49 14.24 -7.69
CA ALA A 376 -9.85 14.75 -7.46
C ALA A 376 -10.58 14.95 -8.78
N ILE A 377 -9.88 15.45 -9.80
CA ILE A 377 -10.49 15.61 -11.11
C ILE A 377 -10.91 14.26 -11.67
N VAL A 378 -10.02 13.27 -11.59
CA VAL A 378 -10.35 11.93 -12.06
C VAL A 378 -11.48 11.35 -11.23
N GLN A 379 -11.44 11.54 -9.90
CA GLN A 379 -12.42 10.93 -9.03
C GLN A 379 -13.83 11.43 -9.34
N VAL A 380 -13.98 12.74 -9.54
CA VAL A 380 -15.30 13.28 -9.85
C VAL A 380 -15.81 12.75 -11.18
N GLU A 381 -14.92 12.47 -12.13
CA GLU A 381 -15.35 11.89 -13.40
C GLU A 381 -15.95 10.50 -13.18
N ILE A 382 -15.33 9.70 -12.33
CA ILE A 382 -15.80 8.33 -12.10
C ILE A 382 -17.17 8.35 -11.46
N ASP A 383 -17.41 9.29 -10.54
CA ASP A 383 -18.67 9.33 -9.80
C ASP A 383 -19.87 9.53 -10.70
N LYS A 384 -19.69 10.01 -11.93
CA LYS A 384 -20.82 10.17 -12.83
C LYS A 384 -21.53 8.86 -13.10
N THR A 385 -20.84 7.73 -12.94
CA THR A 385 -21.36 6.45 -13.38
C THR A 385 -21.76 5.51 -12.26
N LEU A 386 -21.12 5.61 -11.09
CA LEU A 386 -21.34 4.60 -10.06
C LEU A 386 -22.79 4.62 -9.58
N PRO A 387 -23.30 3.48 -9.11
CA PRO A 387 -24.68 3.43 -8.61
C PRO A 387 -24.78 4.01 -7.20
N VAL A 388 -25.99 3.99 -6.68
CA VAL A 388 -26.29 4.49 -5.35
C VAL A 388 -26.58 3.31 -4.43
N PHE A 389 -25.87 3.23 -3.31
CA PHE A 389 -26.08 2.17 -2.35
C PHE A 389 -26.81 2.70 -1.13
N PRO A 390 -27.66 1.89 -0.49
CA PRO A 390 -28.48 2.40 0.60
C PRO A 390 -27.65 2.80 1.80
N LYS A 391 -28.18 3.75 2.57
CA LYS A 391 -27.53 4.23 3.78
C LYS A 391 -28.56 4.34 4.91
N GLY A 392 -28.09 4.10 6.13
CA GLY A 392 -28.92 4.32 7.30
C GLY A 392 -30.21 3.54 7.23
N ASN A 393 -31.32 4.21 7.50
CA ASN A 393 -32.64 3.59 7.51
C ASN A 393 -33.21 3.38 6.12
N GLU A 394 -32.40 3.55 5.08
CA GLU A 394 -32.85 3.32 3.71
C GLU A 394 -32.81 1.83 3.37
N VAL A 395 -33.70 1.45 2.46
CA VAL A 395 -33.73 0.09 1.93
C VAL A 395 -33.99 0.16 0.43
N GLN A 396 -33.22 -0.61 -0.33
CA GLN A 396 -33.33 -0.66 -1.78
C GLN A 396 -33.88 -2.03 -2.18
N ILE A 397 -34.93 -2.02 -3.00
CA ILE A 397 -35.63 -3.23 -3.40
C ILE A 397 -35.62 -3.31 -4.92
N LYS A 398 -35.29 -4.48 -5.44
CA LYS A 398 -35.42 -4.79 -6.86
C LYS A 398 -36.41 -5.94 -7.02
N VAL A 399 -37.36 -5.78 -7.92
CA VAL A 399 -38.41 -6.76 -8.15
C VAL A 399 -38.10 -7.50 -9.44
N LEU A 400 -38.14 -8.82 -9.38
CA LEU A 400 -37.84 -9.67 -10.53
C LEU A 400 -38.90 -10.75 -10.62
N ASN A 401 -39.75 -10.65 -11.65
CA ASN A 401 -40.81 -11.64 -11.87
C ASN A 401 -40.26 -12.74 -12.76
N ILE A 402 -40.19 -13.96 -12.23
CA ILE A 402 -39.68 -15.11 -12.96
C ILE A 402 -40.80 -16.05 -13.40
N GLY A 403 -42.06 -15.66 -13.22
CA GLY A 403 -43.18 -16.48 -13.64
C GLY A 403 -43.47 -16.38 -15.12
N ASN A 404 -44.40 -17.21 -15.56
CA ASN A 404 -44.79 -17.25 -16.97
C ASN A 404 -45.95 -16.29 -17.28
N ASN A 405 -46.39 -15.50 -16.31
CA ASN A 405 -47.50 -14.58 -16.51
C ASN A 405 -47.15 -13.22 -15.91
N THR A 406 -47.78 -12.19 -16.45
CA THR A 406 -47.57 -10.83 -15.95
C THR A 406 -48.12 -10.71 -14.53
N MET A 407 -47.44 -9.90 -13.71
CA MET A 407 -47.80 -9.73 -12.31
C MET A 407 -47.88 -8.24 -11.98
N ASN A 408 -48.80 -7.88 -11.10
CA ASN A 408 -48.96 -6.52 -10.62
C ASN A 408 -48.61 -6.48 -9.14
N ILE A 409 -47.73 -5.56 -8.76
CA ILE A 409 -47.22 -5.46 -7.40
C ILE A 409 -47.51 -4.07 -6.87
N SER A 410 -48.00 -4.00 -5.63
CA SER A 410 -48.29 -2.75 -4.96
C SER A 410 -47.20 -2.46 -3.95
N LEU A 411 -46.61 -1.27 -4.02
CA LEU A 411 -45.51 -0.88 -3.15
C LEU A 411 -45.81 0.49 -2.57
N PRO A 412 -45.13 0.89 -1.48
CA PRO A 412 -45.44 2.19 -0.86
C PRO A 412 -45.45 3.33 -1.87
N GLY A 413 -46.63 3.91 -2.11
CA GLY A 413 -46.76 5.02 -3.01
C GLY A 413 -46.49 4.70 -4.46
N GLU A 414 -46.52 3.44 -4.86
CA GLU A 414 -46.22 3.07 -6.23
C GLU A 414 -46.70 1.65 -6.51
N MET A 415 -46.98 1.38 -7.77
CA MET A 415 -47.30 0.02 -8.24
C MET A 415 -46.45 -0.28 -9.47
N VAL A 416 -46.06 -1.54 -9.60
CA VAL A 416 -45.22 -2.00 -10.70
C VAL A 416 -45.85 -3.24 -11.32
N THR A 417 -45.91 -3.26 -12.65
CA THR A 417 -46.39 -4.40 -13.40
C THR A 417 -45.23 -4.94 -14.23
N LEU A 418 -44.93 -6.23 -14.06
CA LEU A 418 -43.81 -6.88 -14.72
C LEU A 418 -44.32 -8.09 -15.49
N GLY A 419 -43.91 -8.20 -16.75
CA GLY A 419 -44.26 -9.34 -17.56
C GLY A 419 -43.39 -10.54 -17.21
N PRO A 420 -43.69 -11.68 -17.84
CA PRO A 420 -42.91 -12.88 -17.58
C PRO A 420 -41.43 -12.65 -17.88
N MET A 421 -40.57 -13.18 -17.01
CA MET A 421 -39.12 -13.06 -17.16
C MET A 421 -38.73 -11.61 -17.38
N SER A 422 -39.18 -10.74 -16.47
CA SER A 422 -38.91 -9.32 -16.55
C SER A 422 -38.49 -8.81 -15.18
N GLN A 423 -37.83 -7.65 -15.17
CA GLN A 423 -37.30 -7.07 -13.95
C GLN A 423 -37.49 -5.55 -13.99
N THR A 424 -37.40 -4.94 -12.81
CA THR A 424 -37.28 -3.49 -12.72
C THR A 424 -35.82 -3.10 -12.89
N ASN A 425 -35.56 -2.22 -13.85
CA ASN A 425 -34.20 -1.89 -14.24
C ASN A 425 -33.44 -1.08 -13.20
N ALA A 426 -34.12 -0.60 -12.16
CA ALA A 426 -33.47 0.24 -11.16
C ALA A 426 -33.89 -0.20 -9.77
N PHE A 427 -32.99 0.01 -8.81
CA PHE A 427 -33.30 -0.28 -7.42
C PHE A 427 -34.14 0.83 -6.83
N MET A 428 -35.35 0.49 -6.38
CA MET A 428 -36.22 1.48 -5.77
C MET A 428 -35.84 1.67 -4.31
N THR A 429 -35.61 2.91 -3.91
CA THR A 429 -35.16 3.24 -2.57
C THR A 429 -36.36 3.68 -1.73
N PHE A 430 -36.51 3.09 -0.55
CA PHE A 430 -37.58 3.42 0.37
C PHE A 430 -37.02 3.53 1.79
N ASP A 431 -37.71 4.29 2.61
CA ASP A 431 -37.40 4.32 4.04
C ASP A 431 -38.06 3.13 4.72
N VAL A 432 -37.32 2.45 5.59
CA VAL A 432 -37.86 1.28 6.26
C VAL A 432 -39.14 1.64 7.02
N ASN A 433 -39.16 2.80 7.68
CA ASN A 433 -40.36 3.25 8.37
C ASN A 433 -41.53 3.42 7.40
N LYS A 434 -41.25 3.72 6.13
CA LYS A 434 -42.30 3.91 5.14
C LYS A 434 -42.69 2.61 4.43
N LEU A 435 -41.98 1.51 4.68
CA LEU A 435 -42.27 0.23 4.03
C LEU A 435 -43.34 -0.52 4.82
N THR A 436 -44.57 0.01 4.74
CA THR A 436 -45.66 -0.52 5.57
C THR A 436 -46.34 -1.73 4.94
N ARG A 437 -46.83 -1.58 3.70
CA ARG A 437 -47.63 -2.62 3.07
C ARG A 437 -47.11 -2.91 1.67
N ILE A 438 -47.16 -4.18 1.29
CA ILE A 438 -46.90 -4.63 -0.07
C ILE A 438 -47.97 -5.64 -0.42
N ASN A 439 -48.60 -5.46 -1.59
CA ASN A 439 -49.65 -6.34 -2.06
C ASN A 439 -49.28 -6.86 -3.44
N ILE A 440 -49.37 -8.18 -3.62
CA ILE A 440 -48.99 -8.86 -4.85
C ILE A 440 -50.24 -9.45 -5.49
N SER A 441 -50.38 -9.25 -6.80
CA SER A 441 -51.55 -9.74 -7.52
C SER A 441 -51.17 -9.90 -8.98
N SER A 442 -52.01 -10.64 -9.70
CA SER A 442 -51.83 -10.89 -11.12
C SER A 442 -53.17 -10.66 -11.80
N PRO A 443 -53.17 -10.33 -13.10
CA PRO A 443 -54.45 -10.09 -13.78
C PRO A 443 -55.45 -11.22 -13.57
N GLY A 444 -56.55 -10.92 -12.88
CA GLY A 444 -57.55 -11.92 -12.57
C GLY A 444 -57.24 -12.76 -11.36
N SER A 445 -56.09 -12.58 -10.71
CA SER A 445 -55.70 -13.40 -9.58
C SER A 445 -55.98 -12.67 -8.27
N PRO A 446 -56.09 -13.40 -7.16
CA PRO A 446 -56.27 -12.74 -5.86
C PRO A 446 -55.02 -11.98 -5.45
N VAL A 447 -55.22 -11.04 -4.51
CA VAL A 447 -54.16 -10.18 -4.03
C VAL A 447 -53.57 -10.82 -2.77
N THR A 448 -52.24 -10.93 -2.73
CA THR A 448 -51.52 -11.54 -1.63
C THR A 448 -50.68 -10.48 -0.93
N ALA A 449 -50.83 -10.40 0.40
CA ALA A 449 -50.04 -9.46 1.18
C ALA A 449 -48.71 -10.09 1.57
N VAL A 450 -47.65 -9.29 1.52
CA VAL A 450 -46.32 -9.78 1.86
C VAL A 450 -46.13 -9.70 3.37
N THR A 451 -45.84 -10.84 4.00
CA THR A 451 -45.64 -10.89 5.44
C THR A 451 -44.16 -10.82 5.81
N ASP A 452 -43.26 -10.94 4.84
CA ASP A 452 -41.84 -11.00 5.12
C ASP A 452 -41.35 -9.66 5.67
N ASP A 453 -40.10 -9.66 6.14
CA ASP A 453 -39.47 -8.49 6.72
C ASP A 453 -38.14 -8.25 6.03
N PHE A 454 -37.69 -6.99 6.10
CA PHE A 454 -36.46 -6.56 5.45
C PHE A 454 -35.52 -5.92 6.46
N LYS A 455 -34.26 -5.80 6.08
CA LYS A 455 -33.22 -5.22 6.90
C LYS A 455 -32.80 -3.88 6.31
N GLN A 456 -32.70 -2.86 7.16
CA GLN A 456 -32.26 -1.55 6.70
C GLN A 456 -30.80 -1.60 6.28
N GLY A 457 -30.46 -0.77 5.29
CA GLY A 457 -29.08 -0.70 4.82
C GLY A 457 -28.63 -1.89 4.02
N GLN A 458 -29.55 -2.64 3.43
CA GLN A 458 -29.21 -3.80 2.62
C GLN A 458 -30.00 -3.76 1.33
N ARG A 459 -29.38 -4.24 0.25
CA ARG A 459 -30.08 -4.40 -1.02
C ARG A 459 -30.89 -5.68 -0.98
N HIS A 460 -32.15 -5.60 -1.43
CA HIS A 460 -33.07 -6.72 -1.37
C HIS A 460 -33.63 -7.00 -2.76
N THR A 461 -33.81 -8.29 -3.04
CA THR A 461 -34.42 -8.75 -4.28
C THR A 461 -35.70 -9.51 -3.95
N LEU A 462 -36.77 -9.19 -4.66
CA LEU A 462 -38.05 -9.87 -4.50
C LEU A 462 -38.33 -10.72 -5.74
N LEU A 463 -38.58 -12.00 -5.53
CA LEU A 463 -38.83 -12.94 -6.61
C LEU A 463 -40.27 -13.42 -6.55
N VAL A 464 -40.97 -13.34 -7.67
CA VAL A 464 -42.37 -13.77 -7.76
C VAL A 464 -42.55 -14.57 -9.04
N TRP A 465 -43.28 -15.67 -8.94
CA TRP A 465 -43.61 -16.49 -10.10
C TRP A 465 -45.09 -16.84 -10.22
N ALA A 466 -45.90 -16.55 -9.22
CA ALA A 466 -47.33 -16.83 -9.27
C ALA A 466 -48.04 -15.88 -8.32
N PRO A 467 -49.36 -15.73 -8.47
CA PRO A 467 -50.06 -14.72 -7.65
C PRO A 467 -49.88 -14.90 -6.16
N ASN A 468 -49.78 -16.14 -5.68
CA ASN A 468 -49.62 -16.40 -4.25
C ASN A 468 -48.28 -17.03 -3.91
N HIS A 469 -47.29 -16.90 -4.79
CA HIS A 469 -45.97 -17.51 -4.60
C HIS A 469 -44.92 -16.44 -4.84
N TYR A 470 -44.06 -16.22 -3.83
CA TYR A 470 -43.02 -15.21 -3.93
C TYR A 470 -41.90 -15.57 -2.96
N GLN A 471 -40.75 -14.95 -3.15
CA GLN A 471 -39.60 -15.15 -2.27
C GLN A 471 -38.86 -13.84 -2.07
N VAL A 472 -38.39 -13.61 -0.86
CA VAL A 472 -37.60 -12.44 -0.51
C VAL A 472 -36.17 -12.89 -0.24
N VAL A 473 -35.22 -12.27 -0.94
CA VAL A 473 -33.82 -12.69 -0.89
C VAL A 473 -32.96 -11.47 -0.58
N LYS A 474 -32.07 -11.61 0.40
CA LYS A 474 -31.06 -10.60 0.64
C LYS A 474 -29.98 -10.70 -0.43
N ASP A 475 -29.46 -9.54 -0.85
CA ASP A 475 -28.49 -9.51 -1.93
C ASP A 475 -27.05 -9.73 -1.47
N GLY A 476 -26.68 -9.25 -0.29
CA GLY A 476 -25.35 -9.47 0.22
C GLY A 476 -24.34 -8.46 -0.27
N LEU A 477 -24.42 -8.09 -1.55
CA LEU A 477 -23.52 -7.08 -2.11
C LEU A 477 -24.11 -5.69 -1.92
N ASN A 478 -23.32 -4.79 -1.34
CA ASN A 478 -23.72 -3.40 -1.18
C ASN A 478 -22.56 -2.47 -1.50
N GLN A 479 -21.61 -2.93 -2.31
CA GLN A 479 -20.50 -2.10 -2.75
C GLN A 479 -19.95 -2.68 -4.04
N LYS A 480 -19.08 -1.90 -4.67
CA LYS A 480 -18.42 -2.38 -5.88
C LYS A 480 -17.58 -3.61 -5.54
N PRO A 481 -17.64 -4.68 -6.34
CA PRO A 481 -16.89 -5.89 -5.98
C PRO A 481 -15.41 -5.61 -5.82
N GLU A 482 -14.81 -6.29 -4.84
CA GLU A 482 -13.42 -6.03 -4.51
C GLU A 482 -12.49 -6.62 -5.56
N LYS A 483 -11.39 -5.89 -5.82
CA LYS A 483 -10.37 -6.31 -6.78
C LYS A 483 -10.92 -6.33 -8.20
N GLY A 484 -12.10 -5.78 -8.42
CA GLY A 484 -12.67 -5.74 -9.75
C GLY A 484 -13.16 -7.07 -10.28
N GLU A 485 -13.43 -8.04 -9.40
CA GLU A 485 -13.90 -9.34 -9.85
C GLU A 485 -15.42 -9.35 -9.95
N ASN A 486 -15.94 -9.99 -10.98
CA ASN A 486 -17.37 -10.03 -11.23
C ASN A 486 -18.03 -11.08 -10.37
N GLY A 487 -19.18 -10.72 -9.78
CA GLY A 487 -19.92 -11.65 -8.95
C GLY A 487 -21.03 -12.31 -9.76
N ILE A 488 -21.28 -13.58 -9.47
CA ILE A 488 -22.27 -14.38 -10.17
C ILE A 488 -23.13 -15.12 -9.16
N ARG A 489 -24.38 -15.37 -9.53
CA ARG A 489 -25.26 -16.22 -8.72
C ARG A 489 -26.35 -16.79 -9.62
N PHE A 490 -27.03 -17.80 -9.10
CA PHE A 490 -28.02 -18.55 -9.87
C PHE A 490 -29.33 -18.63 -9.11
N VAL A 491 -30.40 -18.91 -9.84
CA VAL A 491 -31.73 -19.10 -9.27
C VAL A 491 -32.25 -20.44 -9.75
N ASN A 492 -32.81 -21.22 -8.83
CA ASN A 492 -33.34 -22.54 -9.15
C ASN A 492 -34.85 -22.46 -9.36
N THR A 493 -35.31 -22.96 -10.51
CA THR A 493 -36.73 -23.06 -10.80
C THR A 493 -37.18 -24.50 -10.98
N PHE A 494 -36.24 -25.45 -11.05
CA PHE A 494 -36.60 -26.85 -11.11
C PHE A 494 -37.24 -27.30 -9.79
N ASN A 495 -38.07 -28.33 -9.88
CA ASN A 495 -38.70 -28.88 -8.69
C ASN A 495 -37.68 -29.46 -7.73
N GLU A 496 -36.64 -30.11 -8.26
CA GLU A 496 -35.65 -30.76 -7.43
C GLU A 496 -34.43 -29.85 -7.24
N LEU A 497 -33.58 -30.23 -6.28
CA LEU A 497 -32.38 -29.48 -6.01
C LEU A 497 -31.42 -29.57 -7.18
N ILE A 498 -30.60 -28.54 -7.36
CA ILE A 498 -29.63 -28.46 -8.43
C ILE A 498 -28.28 -28.11 -7.85
N THR A 499 -27.22 -28.56 -8.53
CA THR A 499 -25.85 -28.27 -8.15
C THR A 499 -25.07 -27.84 -9.39
N ILE A 500 -24.29 -26.78 -9.25
CA ILE A 500 -23.56 -26.19 -10.36
C ILE A 500 -22.13 -25.90 -9.91
N THR A 501 -21.16 -26.20 -10.77
CA THR A 501 -19.76 -25.89 -10.54
C THR A 501 -19.25 -25.04 -11.68
N MET A 502 -18.50 -23.99 -11.36
CA MET A 502 -18.01 -23.03 -12.35
C MET A 502 -16.56 -22.71 -12.06
N SER A 503 -15.65 -23.35 -12.78
CA SER A 503 -14.22 -23.01 -12.73
C SER A 503 -13.69 -23.04 -11.30
N GLY A 504 -13.86 -24.19 -10.64
CA GLY A 504 -13.30 -24.41 -9.33
C GLY A 504 -14.17 -23.99 -8.16
N LYS A 505 -15.34 -23.43 -8.40
CA LYS A 505 -16.26 -23.02 -7.35
C LYS A 505 -17.60 -23.70 -7.57
N VAL A 506 -18.24 -24.10 -6.48
CA VAL A 506 -19.39 -25.00 -6.51
C VAL A 506 -20.57 -24.35 -5.81
N TYR A 507 -21.73 -24.39 -6.45
CA TYR A 507 -23.01 -24.08 -5.83
C TYR A 507 -23.78 -25.39 -5.73
N ALA A 508 -24.11 -25.79 -4.51
CA ALA A 508 -24.65 -27.11 -4.24
C ALA A 508 -25.99 -27.01 -3.52
N ASN A 509 -26.92 -27.89 -3.91
CA ASN A 509 -28.20 -28.04 -3.21
C ASN A 509 -28.96 -26.72 -3.12
N ILE A 510 -29.15 -26.08 -4.28
CA ILE A 510 -29.96 -24.87 -4.33
C ILE A 510 -31.43 -25.27 -4.34
N SER A 511 -32.17 -24.85 -3.32
CA SER A 511 -33.57 -25.21 -3.21
C SER A 511 -34.38 -24.59 -4.33
N SER A 512 -35.48 -25.26 -4.67
CA SER A 512 -36.34 -24.78 -5.75
C SER A 512 -36.88 -23.39 -5.43
N TYR A 513 -36.87 -22.51 -6.43
CA TYR A 513 -37.34 -21.14 -6.27
C TYR A 513 -36.61 -20.44 -5.12
N ASN A 514 -35.29 -20.58 -5.13
CA ASN A 514 -34.44 -19.88 -4.18
C ASN A 514 -33.12 -19.58 -4.88
N ALA A 515 -32.40 -18.58 -4.36
CA ALA A 515 -31.22 -18.04 -5.03
C ALA A 515 -29.99 -18.25 -4.17
N SER A 516 -28.87 -18.55 -4.83
CA SER A 516 -27.61 -18.73 -4.15
C SER A 516 -26.89 -17.40 -3.98
N THR A 517 -25.90 -17.39 -3.10
CA THR A 517 -25.14 -16.18 -2.84
C THR A 517 -24.10 -15.95 -3.93
N TYR A 518 -23.56 -14.75 -3.95
CA TYR A 518 -22.61 -14.37 -4.98
C TYR A 518 -21.23 -14.97 -4.72
N GLN A 519 -20.51 -15.24 -5.81
CA GLN A 519 -19.10 -15.60 -5.74
C GLN A 519 -18.39 -14.89 -6.89
N PHE A 520 -17.13 -14.55 -6.64
CA PHE A 520 -16.42 -13.59 -7.47
C PHE A 520 -15.36 -14.27 -8.33
N PHE A 521 -15.31 -13.88 -9.60
CA PHE A 521 -14.38 -14.43 -10.58
C PHE A 521 -13.67 -13.28 -11.29
N PRO A 522 -12.46 -13.51 -11.81
CA PRO A 522 -11.81 -12.45 -12.61
C PRO A 522 -12.40 -12.35 -14.00
N SER A 523 -11.84 -11.49 -14.84
CA SER A 523 -12.40 -11.28 -16.17
C SER A 523 -12.22 -12.52 -17.03
N GLY A 524 -12.71 -12.44 -18.26
CA GLY A 524 -12.63 -13.52 -19.22
C GLY A 524 -13.98 -14.17 -19.44
N ILE A 525 -13.94 -15.35 -20.04
CA ILE A 525 -15.12 -16.18 -20.26
C ILE A 525 -15.00 -17.44 -19.43
N LYS A 526 -16.04 -17.75 -18.66
CA LYS A 526 -16.02 -18.87 -17.73
C LYS A 526 -17.13 -19.86 -18.09
N GLY A 527 -16.79 -21.13 -18.09
CA GLY A 527 -17.74 -22.20 -18.35
C GLY A 527 -18.14 -22.90 -17.06
N PHE A 528 -19.36 -23.44 -17.06
CA PHE A 528 -19.89 -24.10 -15.88
C PHE A 528 -20.75 -25.28 -16.30
N THR A 529 -20.90 -26.24 -15.39
CA THR A 529 -21.67 -27.46 -15.64
C THR A 529 -22.74 -27.59 -14.57
N ILE A 530 -23.95 -27.92 -14.99
CA ILE A 530 -25.08 -28.06 -14.09
C ILE A 530 -25.31 -29.53 -13.80
N SER A 531 -25.85 -29.82 -12.61
CA SER A 531 -26.17 -31.19 -12.23
C SER A 531 -27.42 -31.18 -11.37
N SER A 532 -28.26 -32.20 -11.56
CA SER A 532 -29.48 -32.34 -10.77
C SER A 532 -30.06 -33.72 -11.00
N THR A 533 -30.86 -34.17 -10.03
CA THR A 533 -31.49 -35.47 -10.12
C THR A 533 -32.64 -35.49 -11.11
N GLU A 534 -33.41 -34.40 -11.20
CA GLU A 534 -34.54 -34.36 -12.11
C GLU A 534 -34.11 -34.28 -13.57
N ILE A 535 -32.89 -33.82 -13.82
CA ILE A 535 -32.37 -33.67 -15.18
C ILE A 535 -32.07 -35.06 -15.75
N PRO A 536 -32.66 -35.45 -16.88
CA PRO A 536 -32.28 -36.72 -17.51
C PRO A 536 -30.81 -36.70 -17.91
N PRO A 537 -30.13 -37.85 -17.86
CA PRO A 537 -28.70 -37.84 -18.18
C PRO A 537 -28.38 -37.33 -19.57
N GLN A 538 -29.25 -37.57 -20.55
CA GLN A 538 -28.95 -37.21 -21.93
C GLN A 538 -28.95 -35.71 -22.18
N CYS A 539 -29.41 -34.90 -21.22
CA CYS A 539 -29.42 -33.46 -21.40
C CYS A 539 -28.00 -32.90 -21.35
N GLN A 540 -27.82 -31.73 -21.94
CA GLN A 540 -26.54 -31.04 -21.90
C GLN A 540 -26.41 -30.25 -20.62
N PRO A 541 -25.45 -30.56 -19.74
CA PRO A 541 -25.29 -29.75 -18.52
C PRO A 541 -24.28 -28.63 -18.68
N ASN A 542 -23.66 -28.53 -19.84
CA ASN A 542 -22.55 -27.61 -20.07
C ASN A 542 -23.06 -26.30 -20.68
N PHE A 543 -22.55 -25.19 -20.16
CA PHE A 543 -22.88 -23.86 -20.66
C PHE A 543 -21.68 -22.96 -20.47
N ASN A 544 -21.68 -21.84 -21.20
CA ASN A 544 -20.59 -20.87 -21.12
C ASN A 544 -21.16 -19.47 -21.04
N THR A 545 -20.49 -18.62 -20.25
CA THR A 545 -20.92 -17.25 -20.07
C THR A 545 -20.29 -16.35 -21.14
N PHE A 546 -20.81 -15.13 -21.23
CA PHE A 546 -20.21 -14.12 -22.09
C PHE A 546 -18.99 -13.51 -21.40
N TYR A 547 -18.40 -12.51 -22.05
CA TYR A 547 -17.22 -11.87 -21.51
C TYR A 547 -17.59 -11.12 -20.22
N LEU A 548 -16.78 -11.29 -19.17
CA LEU A 548 -17.14 -10.77 -17.85
C LEU A 548 -16.80 -9.30 -17.68
N GLU A 549 -15.71 -8.81 -18.26
CA GLU A 549 -15.28 -7.42 -18.09
C GLU A 549 -14.94 -7.21 -16.61
N PHE A 550 -15.25 -6.05 -16.02
CA PHE A 550 -14.80 -5.71 -14.68
C PHE A 550 -15.97 -5.20 -13.84
N GLY A 551 -15.91 -5.46 -12.54
CA GLY A 551 -16.80 -4.84 -11.57
C GLY A 551 -18.26 -5.17 -11.72
N SER A 552 -18.65 -5.97 -12.70
CA SER A 552 -20.07 -6.23 -12.92
C SER A 552 -20.60 -7.20 -11.86
N ALA A 553 -21.91 -7.42 -11.91
CA ALA A 553 -22.58 -8.41 -11.08
C ALA A 553 -23.86 -8.82 -11.76
N TYR A 554 -24.03 -10.12 -12.00
CA TYR A 554 -25.12 -10.63 -12.81
C TYR A 554 -25.86 -11.73 -12.06
N THR A 555 -27.09 -11.97 -12.48
CA THR A 555 -27.94 -13.01 -11.92
C THR A 555 -28.42 -13.92 -13.03
N TYR A 556 -28.05 -15.19 -12.96
CA TYR A 556 -28.51 -16.18 -13.91
C TYR A 556 -29.79 -16.83 -13.40
N ILE A 557 -30.64 -17.25 -14.34
CA ILE A 557 -31.87 -17.97 -14.02
C ILE A 557 -31.87 -19.27 -14.81
N VAL A 558 -32.03 -20.38 -14.11
CA VAL A 558 -32.06 -21.71 -14.72
C VAL A 558 -33.50 -22.16 -14.80
N GLN A 559 -33.94 -22.55 -16.00
CA GLN A 559 -35.32 -22.94 -16.24
C GLN A 559 -35.34 -24.23 -17.03
N ARG A 560 -36.51 -24.86 -17.06
CA ARG A 560 -36.68 -26.18 -17.66
C ARG A 560 -37.25 -26.05 -19.07
N LYS A 561 -36.61 -26.73 -20.02
CA LYS A 561 -37.13 -26.79 -21.37
C LYS A 561 -38.22 -27.86 -21.47
N ASN A 562 -38.93 -27.87 -22.60
CA ASN A 562 -39.93 -28.89 -22.83
C ASN A 562 -39.33 -30.29 -22.80
N ASP A 563 -38.05 -30.41 -23.18
CA ASP A 563 -37.34 -31.68 -23.11
C ASP A 563 -36.71 -31.94 -21.75
N SER A 564 -37.04 -31.13 -20.74
CA SER A 564 -36.48 -31.22 -19.40
C SER A 564 -35.04 -30.75 -19.34
N CYS A 565 -34.46 -30.35 -20.46
CA CYS A 565 -33.08 -29.88 -20.46
C CYS A 565 -32.99 -28.51 -19.78
N PRO A 566 -31.86 -28.20 -19.16
CA PRO A 566 -31.70 -26.89 -18.54
C PRO A 566 -31.61 -25.78 -19.56
N GLU A 567 -32.05 -24.59 -19.16
CA GLU A 567 -31.97 -23.41 -19.99
C GLU A 567 -31.53 -22.24 -19.13
N VAL A 568 -30.85 -21.29 -19.76
CA VAL A 568 -30.17 -20.21 -19.05
C VAL A 568 -30.67 -18.87 -19.54
N LYS A 569 -30.91 -17.95 -18.60
CA LYS A 569 -31.18 -16.54 -18.90
C LYS A 569 -30.34 -15.69 -17.96
N VAL A 570 -30.09 -14.45 -18.38
CA VAL A 570 -29.20 -13.55 -17.66
C VAL A 570 -29.91 -12.23 -17.40
N PHE A 571 -29.70 -11.68 -16.21
CA PHE A 571 -30.15 -10.34 -15.85
C PHE A 571 -29.00 -9.61 -15.19
N GLU A 572 -28.99 -8.28 -15.35
CA GLU A 572 -27.90 -7.47 -14.81
C GLU A 572 -28.33 -6.81 -13.51
N ASP A 573 -27.37 -6.64 -12.59
CA ASP A 573 -27.58 -5.93 -11.34
C ASP A 573 -26.68 -4.72 -11.19
N ILE A 574 -25.39 -4.86 -11.50
CA ILE A 574 -24.44 -3.75 -11.47
C ILE A 574 -23.72 -3.71 -12.81
N SER A 575 -23.72 -2.55 -13.44
CA SER A 575 -23.12 -2.41 -14.77
C SER A 575 -21.61 -2.45 -14.68
N ALA A 576 -20.99 -2.88 -15.78
CA ALA A 576 -19.54 -3.03 -15.81
C ALA A 576 -18.85 -1.70 -15.54
N ASN A 577 -17.54 -1.77 -15.34
CA ASN A 577 -16.74 -0.58 -15.12
C ASN A 577 -16.40 0.07 -16.45
N THR A 578 -16.49 1.40 -16.51
CA THR A 578 -16.44 2.14 -17.77
C THR A 578 -15.18 2.98 -17.94
N VAL A 579 -14.81 3.78 -16.93
CA VAL A 579 -13.68 4.69 -17.10
C VAL A 579 -12.42 3.88 -17.33
N ASN A 580 -11.62 4.29 -18.33
CA ASN A 580 -10.41 3.56 -18.68
C ASN A 580 -9.33 3.77 -17.62
N MET A 581 -8.47 2.76 -17.46
CA MET A 581 -7.46 2.81 -16.42
C MET A 581 -6.21 3.56 -16.84
N ALA A 582 -6.05 3.84 -18.13
CA ALA A 582 -4.89 4.62 -18.56
C ALA A 582 -4.88 6.02 -17.96
N LEU A 583 -6.04 6.48 -17.46
CA LEU A 583 -6.14 7.82 -16.91
C LEU A 583 -5.34 8.01 -15.63
N GLN A 584 -4.83 6.94 -15.03
CA GLN A 584 -4.05 7.09 -13.81
C GLN A 584 -2.57 7.34 -14.08
N ILE A 585 -2.13 7.32 -15.35
CA ILE A 585 -0.73 7.59 -15.64
C ILE A 585 -0.36 9.02 -15.25
N PRO A 586 -1.15 10.05 -15.57
CA PRO A 586 -0.76 11.41 -15.17
C PRO A 586 -0.43 11.54 -13.69
N GLN A 587 -1.36 11.18 -12.80
CA GLN A 587 -1.11 11.40 -11.38
C GLN A 587 0.02 10.51 -10.87
N TYR A 588 0.39 9.47 -11.61
CA TYR A 588 1.58 8.70 -11.26
C TYR A 588 2.84 9.35 -11.84
N PHE A 589 2.70 10.06 -12.97
CA PHE A 589 3.85 10.69 -13.58
C PHE A 589 4.32 11.89 -12.77
N LEU A 590 3.39 12.74 -12.34
CA LEU A 590 3.76 13.89 -11.52
C LEU A 590 4.35 13.44 -10.19
N LEU A 591 3.65 12.55 -9.48
CA LEU A 591 4.12 12.13 -8.17
C LEU A 591 5.50 11.48 -8.28
N THR A 592 5.68 10.57 -9.23
CA THR A 592 6.98 9.94 -9.41
C THR A 592 8.04 10.97 -9.78
N CYS A 593 7.70 11.92 -10.64
CA CYS A 593 8.62 13.00 -10.94
C CYS A 593 8.91 13.85 -9.71
N GLY A 594 7.92 13.99 -8.83
CA GLY A 594 8.14 14.72 -7.60
C GLY A 594 9.07 14.02 -6.64
N GLU A 595 8.99 12.70 -6.57
CA GLU A 595 9.83 11.95 -5.64
C GLU A 595 11.30 12.00 -6.03
N VAL A 596 11.59 11.94 -7.33
CA VAL A 596 12.98 11.92 -7.77
C VAL A 596 13.73 13.14 -7.26
N VAL A 597 13.15 14.32 -7.49
CA VAL A 597 13.84 15.55 -7.11
C VAL A 597 13.93 15.69 -5.60
N PHE A 598 12.91 15.24 -4.87
CA PHE A 598 12.88 15.42 -3.42
C PHE A 598 13.70 14.37 -2.70
N SER A 599 13.34 13.09 -2.86
CA SER A 599 13.95 12.04 -2.05
C SER A 599 15.43 11.86 -2.35
N VAL A 600 15.83 11.88 -3.62
CA VAL A 600 17.23 11.65 -3.96
C VAL A 600 18.10 12.71 -3.31
N THR A 601 17.70 13.97 -3.39
CA THR A 601 18.49 15.04 -2.77
C THR A 601 18.31 15.05 -1.26
N GLY A 602 17.25 14.43 -0.76
CA GLY A 602 17.04 14.40 0.67
C GLY A 602 18.12 13.62 1.39
N LEU A 603 18.46 12.45 0.88
CA LEU A 603 19.44 11.61 1.56
C LEU A 603 20.86 11.88 1.08
N GLU A 604 21.04 12.81 0.15
CA GLU A 604 22.38 13.23 -0.22
C GLU A 604 22.78 14.50 0.55
N PHE A 605 21.87 15.46 0.63
CA PHE A 605 22.11 16.66 1.42
C PHE A 605 22.33 16.32 2.88
N SER A 606 21.56 15.36 3.40
CA SER A 606 21.71 14.96 4.79
C SER A 606 23.10 14.43 5.11
N TYR A 607 23.73 13.72 4.18
CA TYR A 607 25.09 13.23 4.38
C TYR A 607 26.12 14.35 4.25
N SER A 608 25.91 15.28 3.32
CA SER A 608 26.92 16.30 3.07
C SER A 608 27.17 17.15 4.29
N GLN A 609 26.12 17.53 5.00
CA GLN A 609 26.23 18.43 6.14
C GLN A 609 26.65 17.81 7.46
N ALA A 610 26.63 16.53 7.58
CA ALA A 610 26.86 15.93 8.88
C ALA A 610 28.36 15.98 9.24
N PRO A 611 28.67 16.08 10.53
CA PRO A 611 30.08 16.04 10.94
C PRO A 611 30.69 14.67 10.69
N SER A 612 32.01 14.65 10.53
CA SER A 612 32.69 13.42 10.15
C SER A 612 32.41 12.28 11.14
N ASN A 613 32.13 12.62 12.40
CA ASN A 613 32.00 11.59 13.43
C ASN A 613 30.60 11.05 13.60
N MET A 614 29.60 11.62 12.93
CA MET A 614 28.22 11.20 13.17
C MET A 614 27.42 11.10 11.88
N LYS A 615 27.99 10.51 10.83
CA LYS A 615 27.26 10.42 9.56
C LYS A 615 26.01 9.58 9.70
N SER A 616 26.12 8.43 10.37
CA SER A 616 24.97 7.54 10.48
C SER A 616 23.88 8.14 11.36
N VAL A 617 24.24 9.04 12.26
CA VAL A 617 23.23 9.64 13.13
C VAL A 617 22.21 10.41 12.29
N LEU A 618 22.69 11.18 11.31
CA LEU A 618 21.78 11.99 10.52
C LEU A 618 21.00 11.14 9.53
N GLN A 619 21.64 10.15 8.92
CA GLN A 619 20.91 9.25 8.03
C GLN A 619 19.74 8.61 8.76
N ALA A 620 19.97 8.14 9.98
CA ALA A 620 18.85 7.69 10.81
C ALA A 620 17.90 8.84 11.10
N GLY A 621 18.39 10.06 11.08
CA GLY A 621 17.50 11.21 11.20
C GLY A 621 16.55 11.32 10.03
N TRP A 622 17.07 11.14 8.80
CA TRP A 622 16.21 11.19 7.63
C TRP A 622 15.19 10.05 7.64
N LEU A 623 15.66 8.81 7.87
CA LEU A 623 14.75 7.68 7.89
C LEU A 623 13.67 7.86 8.94
N LEU A 624 14.03 8.41 10.10
CA LEU A 624 13.05 8.60 11.16
C LEU A 624 11.87 9.45 10.68
N THR A 625 12.09 10.30 9.68
CA THR A 625 10.99 11.08 9.13
C THR A 625 9.92 10.20 8.52
N VAL A 626 10.33 9.17 7.77
CA VAL A 626 9.37 8.29 7.15
C VAL A 626 8.55 7.55 8.20
N ALA A 627 9.20 7.17 9.30
CA ALA A 627 8.49 6.45 10.36
C ALA A 627 7.31 7.26 10.86
N VAL A 628 7.55 8.52 11.24
CA VAL A 628 6.47 9.36 11.71
C VAL A 628 5.50 9.67 10.59
N GLY A 629 5.97 9.61 9.34
CA GLY A 629 5.08 9.89 8.22
C GLY A 629 3.89 8.96 8.17
N ASN A 630 4.13 7.66 8.31
CA ASN A 630 3.05 6.68 8.25
C ASN A 630 2.04 6.91 9.35
N ILE A 631 2.47 7.49 10.47
CA ILE A 631 1.56 7.70 11.59
C ILE A 631 0.45 8.67 11.20
N ILE A 632 0.80 9.75 10.50
CA ILE A 632 -0.20 10.76 10.17
C ILE A 632 -1.35 10.14 9.37
N VAL A 633 -1.01 9.41 8.31
CA VAL A 633 -2.06 8.76 7.52
C VAL A 633 -2.81 7.74 8.37
N LEU A 634 -2.07 6.95 9.14
CA LEU A 634 -2.72 5.95 10.00
C LEU A 634 -3.63 6.61 11.03
N ILE A 635 -3.19 7.73 11.60
CA ILE A 635 -4.03 8.43 12.58
C ILE A 635 -5.31 8.91 11.92
N VAL A 636 -5.22 9.44 10.70
CA VAL A 636 -6.42 9.93 10.01
C VAL A 636 -7.42 8.80 9.85
N ALA A 637 -6.95 7.56 9.78
CA ALA A 637 -7.82 6.37 9.77
C ALA A 637 -8.74 6.47 8.56
N GLY A 638 -10.03 6.14 8.70
CA GLY A 638 -10.94 6.03 7.58
C GLY A 638 -11.72 7.30 7.31
N ALA A 639 -12.90 7.10 6.72
CA ALA A 639 -13.70 8.21 6.24
C ALA A 639 -14.17 9.10 7.39
N GLY A 640 -14.21 10.40 7.11
CA GLY A 640 -14.74 11.37 8.06
C GLY A 640 -15.49 12.48 7.34
N GLN A 641 -15.92 12.22 6.12
CA GLN A 641 -16.52 13.24 5.28
C GLN A 641 -17.47 12.58 4.29
N PHE A 642 -18.01 13.40 3.39
CA PHE A 642 -19.04 12.94 2.46
C PHE A 642 -18.47 12.02 1.38
N SER A 643 -17.36 12.43 0.77
CA SER A 643 -16.87 11.72 -0.41
C SER A 643 -15.37 11.90 -0.55
N LYS A 644 -14.76 11.02 -1.34
CA LYS A 644 -13.33 11.12 -1.63
C LYS A 644 -13.01 12.35 -2.45
N GLN A 645 -13.99 12.95 -3.12
CA GLN A 645 -13.74 14.20 -3.82
C GLN A 645 -13.15 15.25 -2.89
N TRP A 646 -13.50 15.18 -1.61
CA TRP A 646 -12.87 16.05 -0.61
C TRP A 646 -11.53 15.47 -0.16
N ALA A 647 -11.53 14.24 0.34
CA ALA A 647 -10.34 13.69 0.98
C ALA A 647 -9.12 13.80 0.08
N GLU A 648 -9.28 13.48 -1.20
CA GLU A 648 -8.14 13.61 -2.12
C GLU A 648 -7.68 15.05 -2.25
N TYR A 649 -8.51 16.03 -1.86
CA TYR A 649 -8.17 17.43 -2.01
C TYR A 649 -7.54 18.01 -0.75
N ILE A 650 -8.25 17.97 0.38
CA ILE A 650 -7.70 18.55 1.59
C ILE A 650 -6.42 17.83 2.00
N LEU A 651 -6.28 16.57 1.59
CA LEU A 651 -5.14 15.79 2.03
C LEU A 651 -3.82 16.33 1.50
N PHE A 652 -3.87 17.24 0.52
CA PHE A 652 -2.65 17.90 0.06
C PHE A 652 -2.69 19.40 0.33
N ALA A 653 -3.77 20.07 -0.05
CA ALA A 653 -3.79 21.53 0.00
C ALA A 653 -3.70 22.03 1.42
N ALA A 654 -4.68 21.70 2.25
CA ALA A 654 -4.68 22.16 3.63
C ALA A 654 -3.49 21.65 4.42
N LEU A 655 -2.81 20.61 3.94
CA LEU A 655 -1.66 20.08 4.68
C LEU A 655 -0.36 20.26 3.92
N LEU A 656 -0.27 19.73 2.70
CA LEU A 656 1.04 19.63 2.06
C LEU A 656 1.56 20.98 1.61
N LEU A 657 0.68 21.83 1.06
CA LEU A 657 1.12 23.15 0.65
C LEU A 657 1.40 24.04 1.85
N VAL A 658 0.55 23.97 2.87
CA VAL A 658 0.80 24.74 4.09
C VAL A 658 2.15 24.35 4.69
N VAL A 659 2.44 23.05 4.71
CA VAL A 659 3.74 22.59 5.17
C VAL A 659 4.84 23.06 4.22
N CYS A 660 4.56 23.06 2.92
CA CYS A 660 5.57 23.44 1.94
C CYS A 660 6.02 24.88 2.13
N VAL A 661 5.06 25.78 2.37
CA VAL A 661 5.43 27.19 2.56
C VAL A 661 6.20 27.36 3.87
N ILE A 662 5.82 26.61 4.91
CA ILE A 662 6.56 26.68 6.17
C ILE A 662 7.99 26.23 5.95
N PHE A 663 8.19 25.14 5.20
CA PHE A 663 9.54 24.64 4.97
C PHE A 663 10.42 25.70 4.32
N ALA A 664 9.90 26.36 3.29
CA ALA A 664 10.69 27.38 2.61
C ALA A 664 11.10 28.49 3.57
N ILE A 665 10.22 28.83 4.51
CA ILE A 665 10.56 29.86 5.49
C ILE A 665 11.77 29.44 6.29
N MET A 666 11.76 28.20 6.81
CA MET A 666 12.87 27.74 7.62
C MET A 666 14.16 27.68 6.82
N ALA A 667 14.08 27.21 5.57
CA ALA A 667 15.27 27.14 4.74
C ALA A 667 15.82 28.53 4.43
N ARG A 668 15.01 29.58 4.58
CA ARG A 668 15.50 30.93 4.40
C ARG A 668 16.59 31.28 5.39
N PHE A 669 16.69 30.53 6.50
CA PHE A 669 17.71 30.75 7.51
C PHE A 669 18.95 29.88 7.28
N TYR A 670 19.24 29.54 6.02
CA TYR A 670 20.54 29.03 5.60
C TYR A 670 21.05 27.92 6.51
N THR A 671 20.33 26.79 6.52
CA THR A 671 20.90 25.57 7.07
C THR A 671 21.98 25.01 6.16
N TYR A 672 22.07 25.51 4.93
CA TYR A 672 23.08 25.08 3.96
C TYR A 672 24.44 25.72 4.20
N ILE A 673 24.53 26.65 5.15
CA ILE A 673 25.74 27.45 5.31
C ILE A 673 26.90 26.69 5.94
N ASN A 674 26.74 25.41 6.24
CA ASN A 674 27.78 24.66 6.94
C ASN A 674 28.56 23.80 5.96
N PRO A 675 29.82 24.16 5.64
CA PRO A 675 30.71 23.23 4.92
C PRO A 675 31.41 22.27 5.88
N ALA A 676 30.71 21.20 6.25
CA ALA A 676 31.18 20.33 7.31
C ALA A 676 32.55 19.72 7.02
N GLU A 677 32.95 19.66 5.74
CA GLU A 677 34.21 19.00 5.41
C GLU A 677 35.40 19.77 5.97
N ILE A 678 35.39 21.09 5.89
CA ILE A 678 36.57 21.89 6.14
C ILE A 678 36.57 22.44 7.55
N GLU A 679 35.38 22.50 8.16
CA GLU A 679 35.27 23.13 9.47
C GLU A 679 36.15 22.44 10.51
N ALA A 680 36.31 21.12 10.40
CA ALA A 680 37.10 20.39 11.39
C ALA A 680 38.55 20.83 11.38
N GLN A 681 39.08 21.18 10.21
CA GLN A 681 40.49 21.55 10.11
C GLN A 681 40.83 22.80 10.90
N PHE A 682 39.83 23.60 11.28
CA PHE A 682 40.07 24.77 12.12
C PHE A 682 40.47 24.39 13.54
N ASP A 683 40.27 23.13 13.94
CA ASP A 683 40.59 22.69 15.28
C ASP A 683 39.73 23.40 16.31
N ALA B 1 10.34 4.13 -5.79
CA ALA B 1 10.06 3.58 -4.44
C ALA B 1 11.12 4.06 -3.45
N PHE B 2 11.21 3.40 -2.30
CA PHE B 2 12.22 3.74 -1.30
C PHE B 2 12.29 2.67 -0.22
#